data_1JM6
#
_entry.id   1JM6
#
_cell.length_a   71.421
_cell.length_b   109.874
_cell.length_c   71.414
_cell.angle_alpha   90.00
_cell.angle_beta   104.52
_cell.angle_gamma   90.00
#
_symmetry.space_group_name_H-M   'P 1 21 1'
#
loop_
_entity.id
_entity.type
_entity.pdbx_description
1 polymer 'Pyruvate dehydrogenase kinase, isozyme 2'
2 non-polymer 'MAGNESIUM ION'
3 non-polymer "ADENOSINE-5'-DIPHOSPHATE"
4 water water
#
_entity_poly.entity_id   1
_entity_poly.type   'polypeptide(L)'
_entity_poly.pdbx_seq_one_letter_code
;MRWFRALLKNASLAGAPKYIEHFSKFSPSPLSMKQFLDFGSSNACEKTSFTFLRQELPVRLANIMKEINLLPDRVLSTPS
VQLVQSWYVQSLLDIMEFLDKDPEDHRTLSQFTDALVTIRNRHNDVVPTMAQGVLEYKDTYGDDPVSNQNIQYFLDRFYL
SRISIRMLINQHTLIFDGSTNPAHPKHIGSIDPNCSVSDVVKDAYDMAKLLCDKYYMASPDLEIQEVNATNATQPIHMVY
VPSHLYHMLFELFKNAMRATVESHESSLTLPPIKIMVALGEEDLSIKMSDRGGGVPLRKIERLFSYMYSTAPTPQPGTGG
TPLAGFGYGLPISRLYAKYFQGDLQLFSMEGFGTDAVIYLKALSTDSVERLPVYNKSAWRHYQTIQEAGDWCVPSTEPKN
TSTYRVS
;
_entity_poly.pdbx_strand_id   A,B
#
# COMPACT_ATOMS: atom_id res chain seq x y z
N ALA A 11 0.84 46.40 6.67
CA ALA A 11 2.03 47.03 7.21
C ALA A 11 3.07 47.26 6.12
N SER A 12 4.26 47.59 6.63
CA SER A 12 5.32 47.81 5.72
C SER A 12 5.58 46.47 5.12
N LEU A 13 5.39 46.47 3.82
CA LEU A 13 5.63 45.26 3.14
C LEU A 13 7.05 45.19 2.43
N ALA A 14 8.19 45.23 3.17
CA ALA A 14 9.59 45.14 2.73
C ALA A 14 10.16 44.50 3.90
N GLY A 15 9.29 44.63 4.88
CA GLY A 15 9.89 43.83 5.93
C GLY A 15 9.60 42.33 5.78
N ALA A 16 8.62 41.99 4.95
CA ALA A 16 8.17 40.64 4.71
C ALA A 16 9.30 39.62 4.63
N PRO A 17 10.40 39.90 3.95
CA PRO A 17 11.56 39.01 3.97
C PRO A 17 11.99 38.68 5.38
N LYS A 18 12.21 39.77 6.14
CA LYS A 18 12.63 39.73 7.52
C LYS A 18 11.56 39.05 8.32
N TYR A 19 10.29 39.41 8.12
CA TYR A 19 9.23 38.74 8.89
C TYR A 19 9.29 37.18 8.74
N ILE A 20 9.36 36.60 7.53
CA ILE A 20 9.41 35.11 7.32
C ILE A 20 10.68 34.49 7.89
N GLU A 21 11.82 35.11 7.63
CA GLU A 21 13.06 34.56 8.21
C GLU A 21 12.94 34.36 9.72
N HIS A 22 12.10 35.18 10.35
CA HIS A 22 11.91 35.18 11.79
C HIS A 22 10.89 34.14 12.25
N PHE A 23 9.68 34.18 11.69
CA PHE A 23 8.71 33.17 12.08
C PHE A 23 9.08 31.83 11.49
N SER A 24 9.87 31.85 10.45
CA SER A 24 10.29 30.58 9.85
C SER A 24 11.26 29.88 10.80
N LYS A 25 11.82 30.63 11.75
CA LYS A 25 12.78 30.00 12.66
C LYS A 25 12.06 29.17 13.70
N PHE A 26 10.72 29.33 13.70
CA PHE A 26 9.92 28.55 14.64
C PHE A 26 9.26 27.37 13.92
N SER A 27 8.90 26.39 14.76
CA SER A 27 8.28 25.18 14.26
C SER A 27 6.80 25.16 14.69
N PRO A 28 5.98 24.67 13.77
CA PRO A 28 4.56 24.44 14.05
C PRO A 28 4.36 23.72 15.35
N SER A 29 3.29 24.09 16.05
CA SER A 29 2.93 23.42 17.28
C SER A 29 1.57 22.77 17.17
N PRO A 30 1.59 21.46 16.94
CA PRO A 30 0.37 20.70 16.73
C PRO A 30 -0.55 20.77 17.94
N LEU A 31 -1.85 20.91 17.68
CA LEU A 31 -2.84 20.82 18.74
C LEU A 31 -3.55 19.46 18.65
N SER A 32 -3.76 18.89 19.83
CA SER A 32 -4.46 17.62 19.99
C SER A 32 -5.96 17.83 19.81
N MET A 33 -6.83 16.82 19.75
CA MET A 33 -8.28 17.08 19.69
C MET A 33 -8.74 17.66 21.02
N LYS A 34 -8.06 17.25 22.10
CA LYS A 34 -8.46 17.76 23.42
C LYS A 34 -7.95 19.17 23.64
N GLN A 35 -6.99 19.41 22.88
CA GLN A 35 -6.64 20.82 23.05
C GLN A 35 -7.62 21.68 22.25
N PHE A 36 -8.08 21.19 21.11
CA PHE A 36 -9.06 21.85 20.27
C PHE A 36 -10.44 21.94 20.92
N LEU A 37 -10.78 20.82 21.60
CA LEU A 37 -12.10 20.67 22.18
C LEU A 37 -12.31 21.57 23.39
N ASP A 38 -11.24 21.76 24.16
CA ASP A 38 -11.28 22.53 25.38
C ASP A 38 -11.22 24.05 25.16
N PHE A 39 -12.10 24.56 24.33
CA PHE A 39 -12.28 26.01 24.20
C PHE A 39 -13.81 26.35 24.58
N GLY A 40 -14.57 25.38 25.21
CA GLY A 40 -16.03 25.53 25.63
C GLY A 40 -16.94 25.71 24.38
N ALA A 44 -11.98 27.22 26.21
CA ALA A 44 -11.06 27.95 27.04
C ALA A 44 -11.42 29.40 27.15
N CYS A 45 -10.97 30.25 26.20
CA CYS A 45 -11.25 31.72 26.22
C CYS A 45 -10.80 32.46 24.90
N GLU A 46 -11.20 33.76 24.62
CA GLU A 46 -10.74 34.47 23.37
C GLU A 46 -9.22 34.78 23.50
N LYS A 47 -8.82 35.64 24.51
CA LYS A 47 -7.43 35.97 24.80
C LYS A 47 -6.52 34.71 24.70
N THR A 48 -7.04 33.45 24.87
CA THR A 48 -6.38 32.19 24.63
C THR A 48 -6.24 31.94 23.13
N SER A 49 -7.33 32.12 22.39
CA SER A 49 -7.31 31.87 20.95
C SER A 49 -6.54 32.95 20.21
N PHE A 50 -6.40 34.10 20.86
CA PHE A 50 -5.69 35.21 20.26
C PHE A 50 -4.23 35.14 20.54
N THR A 51 -4.03 35.24 21.82
CA THR A 51 -2.71 35.20 22.32
C THR A 51 -1.88 34.20 21.56
N PHE A 52 -2.47 33.06 21.31
CA PHE A 52 -1.83 31.91 20.66
C PHE A 52 -1.91 32.00 19.14
N LEU A 53 -3.07 32.41 18.63
CA LEU A 53 -3.23 32.52 17.18
C LEU A 53 -2.32 33.60 16.62
N ARG A 54 -2.15 34.73 17.32
CA ARG A 54 -1.36 35.82 16.76
C ARG A 54 0.12 35.48 16.66
N GLN A 55 0.57 34.34 17.20
CA GLN A 55 1.97 33.94 17.04
C GLN A 55 2.04 32.69 16.16
N GLU A 56 1.04 31.84 16.33
CA GLU A 56 0.99 30.52 15.70
C GLU A 56 0.76 30.62 14.19
N LEU A 57 -0.21 31.45 13.77
CA LEU A 57 -0.53 31.58 12.35
C LEU A 57 0.64 32.20 11.59
N PRO A 58 1.29 33.25 12.08
CA PRO A 58 2.49 33.81 11.41
C PRO A 58 3.59 32.76 11.31
N VAL A 59 3.64 31.89 12.30
CA VAL A 59 4.59 30.83 12.25
C VAL A 59 4.20 29.87 11.14
N ARG A 60 2.91 29.53 11.05
CA ARG A 60 2.46 28.57 10.05
C ARG A 60 2.50 29.12 8.63
N LEU A 61 2.05 30.40 8.47
CA LEU A 61 2.14 31.07 7.19
C LEU A 61 3.63 31.34 6.83
N ALA A 62 4.54 31.85 7.65
CA ALA A 62 5.92 32.04 7.10
C ALA A 62 6.65 30.75 6.72
N ASN A 63 6.32 29.65 7.39
CA ASN A 63 6.90 28.35 7.10
C ASN A 63 6.59 27.88 5.69
N ILE A 64 5.31 27.96 5.31
CA ILE A 64 4.88 27.54 4.00
C ILE A 64 5.08 28.59 2.94
N MET A 65 5.27 29.84 3.28
CA MET A 65 5.60 30.74 2.19
C MET A 65 7.06 30.51 1.83
N LYS A 66 7.83 30.04 2.82
CA LYS A 66 9.25 29.81 2.65
C LYS A 66 9.46 28.75 1.59
N GLU A 67 8.53 27.79 1.55
CA GLU A 67 8.51 26.67 0.61
C GLU A 67 7.92 27.10 -0.74
N ILE A 68 7.20 28.25 -0.74
CA ILE A 68 6.66 28.78 -1.96
C ILE A 68 7.76 29.52 -2.77
N ASN A 69 8.89 30.02 -2.22
CA ASN A 69 9.82 30.57 -3.22
C ASN A 69 10.80 29.44 -3.47
N LEU A 70 10.27 28.22 -3.16
CA LEU A 70 11.16 27.06 -3.38
C LEU A 70 10.73 26.39 -4.67
N LEU A 71 9.58 26.83 -5.19
CA LEU A 71 9.03 26.18 -6.38
C LEU A 71 9.90 26.46 -7.61
N PRO A 72 9.70 25.50 -8.55
CA PRO A 72 10.31 25.62 -9.86
C PRO A 72 10.03 26.90 -10.49
N ASP A 73 11.08 27.54 -10.88
CA ASP A 73 11.01 28.87 -11.45
C ASP A 73 9.98 28.95 -12.65
N ARG A 74 9.61 27.80 -13.25
CA ARG A 74 8.66 27.76 -14.38
C ARG A 74 7.19 27.74 -13.89
N VAL A 75 6.85 27.28 -12.59
CA VAL A 75 5.49 27.27 -11.95
C VAL A 75 5.36 28.47 -11.01
N LEU A 76 6.47 28.88 -10.45
CA LEU A 76 6.56 30.02 -9.56
C LEU A 76 6.12 31.31 -10.25
N SER A 77 6.46 31.39 -11.53
CA SER A 77 6.21 32.55 -12.39
C SER A 77 4.79 32.54 -12.95
N THR A 78 4.12 31.37 -12.84
CA THR A 78 2.73 31.33 -13.28
C THR A 78 1.96 32.42 -12.55
N PRO A 79 0.95 32.98 -13.23
CA PRO A 79 0.13 34.04 -12.60
C PRO A 79 -0.61 33.50 -11.38
N SER A 80 -1.33 32.38 -11.56
CA SER A 80 -2.12 31.81 -10.49
C SER A 80 -1.28 31.63 -9.22
N VAL A 81 -0.03 31.22 -9.40
CA VAL A 81 0.92 31.01 -8.31
C VAL A 81 1.18 32.26 -7.54
N GLN A 82 1.30 33.29 -8.27
CA GLN A 82 1.58 34.47 -7.52
C GLN A 82 0.33 34.88 -6.87
N LEU A 83 -0.68 34.94 -7.63
CA LEU A 83 -1.87 35.33 -6.96
C LEU A 83 -1.86 34.74 -5.53
N VAL A 84 -1.76 33.42 -5.43
CA VAL A 84 -1.85 32.84 -4.10
C VAL A 84 -0.74 33.27 -3.16
N GLN A 85 0.43 33.57 -3.71
CA GLN A 85 1.50 34.07 -2.87
C GLN A 85 1.12 35.46 -2.38
N SER A 86 0.55 36.26 -3.30
CA SER A 86 0.07 37.59 -2.99
C SER A 86 -0.87 37.59 -1.80
N TRP A 87 -1.71 36.55 -1.74
CA TRP A 87 -2.67 36.42 -0.65
C TRP A 87 -1.94 36.18 0.66
N TYR A 88 -0.98 35.24 0.65
CA TYR A 88 -0.23 34.93 1.88
C TYR A 88 0.65 36.10 2.49
N VAL A 89 1.15 37.06 1.68
CA VAL A 89 2.00 38.16 2.16
C VAL A 89 1.17 39.22 2.87
N GLN A 90 -0.08 39.24 2.40
CA GLN A 90 -1.09 40.11 2.96
C GLN A 90 -1.68 39.51 4.24
N SER A 91 -1.74 38.17 4.29
CA SER A 91 -2.29 37.39 5.41
C SER A 91 -1.29 37.13 6.50
N LEU A 92 -0.20 37.82 6.52
CA LEU A 92 0.80 37.61 7.52
C LEU A 92 0.98 38.99 8.08
N LEU A 93 0.85 39.91 7.19
CA LEU A 93 0.92 41.26 7.68
C LEU A 93 -0.31 41.58 8.48
N ASP A 94 -1.44 41.24 7.91
CA ASP A 94 -2.71 41.57 8.55
C ASP A 94 -2.80 40.99 9.97
N ILE A 95 -2.26 39.80 10.18
CA ILE A 95 -2.27 39.24 11.52
C ILE A 95 -1.14 39.90 12.43
N MET A 96 -0.01 40.51 11.82
CA MET A 96 1.19 41.20 12.46
C MET A 96 0.79 42.58 12.90
N GLU A 97 -0.24 43.07 12.27
CA GLU A 97 -0.80 44.29 12.85
C GLU A 97 -1.20 44.07 14.30
N PHE A 98 -1.50 42.83 14.69
CA PHE A 98 -1.96 42.56 16.04
C PHE A 98 -0.86 42.12 16.98
N LEU A 99 0.26 41.89 16.91
CA LEU A 99 1.35 41.38 17.74
C LEU A 99 1.78 42.37 18.81
N ASP A 100 0.98 43.41 19.05
CA ASP A 100 1.30 44.40 20.06
C ASP A 100 0.05 44.87 20.81
N LYS A 101 -1.09 44.78 20.15
CA LYS A 101 -2.36 45.19 20.75
C LYS A 101 -2.72 44.51 22.11
N ASP A 102 -3.51 45.21 23.01
CA ASP A 102 -4.04 44.73 24.32
C ASP A 102 -5.04 43.55 24.15
N PRO A 103 -4.58 42.28 24.34
CA PRO A 103 -5.60 41.20 24.33
C PRO A 103 -6.91 41.43 25.25
N GLU A 104 -6.96 42.50 26.13
CA GLU A 104 -8.01 42.79 27.08
C GLU A 104 -8.96 43.86 26.54
N ASP A 105 -9.19 44.28 25.25
CA ASP A 105 -10.39 45.22 25.05
C ASP A 105 -11.38 44.62 24.04
N HIS A 106 -12.64 44.87 24.20
CA HIS A 106 -13.52 44.27 23.27
C HIS A 106 -13.01 44.40 21.82
N ARG A 107 -12.81 45.60 21.27
CA ARG A 107 -12.36 45.58 19.87
C ARG A 107 -11.01 44.84 19.60
N THR A 108 -9.89 44.77 20.42
CA THR A 108 -8.77 43.97 19.84
C THR A 108 -9.33 42.60 19.36
N LEU A 109 -10.17 42.05 20.22
CA LEU A 109 -10.79 40.75 20.03
C LEU A 109 -11.72 40.72 18.83
N SER A 110 -12.62 41.70 18.70
CA SER A 110 -13.56 41.68 17.57
C SER A 110 -12.87 42.06 16.27
N GLN A 111 -11.70 42.71 16.39
CA GLN A 111 -10.93 43.16 15.24
C GLN A 111 -10.17 41.99 14.62
N PHE A 112 -9.70 41.13 15.51
CA PHE A 112 -9.00 39.89 15.16
C PHE A 112 -9.93 38.96 14.39
N THR A 113 -11.09 38.69 14.98
CA THR A 113 -12.06 37.81 14.33
C THR A 113 -12.40 38.36 12.95
N ASP A 114 -12.45 39.68 12.88
CA ASP A 114 -12.75 40.41 11.65
C ASP A 114 -11.62 40.19 10.65
N ALA A 115 -10.40 40.28 11.14
CA ALA A 115 -9.24 40.02 10.30
C ALA A 115 -9.26 38.59 9.77
N LEU A 116 -9.59 37.67 10.66
CA LEU A 116 -9.62 36.24 10.34
C LEU A 116 -10.68 35.93 9.30
N VAL A 117 -11.85 36.54 9.43
CA VAL A 117 -12.92 36.41 8.44
C VAL A 117 -12.44 36.77 7.06
N THR A 118 -11.71 37.90 7.04
CA THR A 118 -11.16 38.42 5.80
C THR A 118 -10.14 37.46 5.09
N ILE A 119 -9.16 36.92 5.87
CA ILE A 119 -8.11 35.99 5.39
C ILE A 119 -8.72 34.69 4.85
N ARG A 120 -9.79 34.16 5.52
CA ARG A 120 -10.54 32.91 5.14
C ARG A 120 -11.42 33.14 3.95
N ASN A 121 -11.84 34.34 3.75
CA ASN A 121 -12.62 34.48 2.59
C ASN A 121 -11.66 34.67 1.42
N ARG A 122 -10.60 35.40 1.72
CA ARG A 122 -9.59 35.69 0.72
C ARG A 122 -8.95 34.43 0.10
N HIS A 123 -8.69 33.42 0.87
CA HIS A 123 -8.03 32.21 0.37
C HIS A 123 -8.98 31.13 -0.07
N ASN A 124 -10.24 31.43 -0.29
CA ASN A 124 -11.17 30.34 -0.62
C ASN A 124 -10.95 29.77 -2.01
N ASP A 125 -10.20 30.44 -2.85
CA ASP A 125 -9.92 29.73 -4.10
C ASP A 125 -8.45 29.36 -4.25
N VAL A 126 -7.77 29.08 -3.14
CA VAL A 126 -6.34 28.77 -3.19
C VAL A 126 -6.04 27.49 -3.97
N VAL A 127 -6.92 26.54 -3.99
CA VAL A 127 -6.65 25.31 -4.72
C VAL A 127 -7.05 25.34 -6.26
N PRO A 128 -8.19 25.89 -6.61
CA PRO A 128 -8.52 26.04 -8.01
C PRO A 128 -7.53 26.99 -8.68
N THR A 129 -6.89 27.85 -7.87
CA THR A 129 -5.89 28.82 -8.34
C THR A 129 -4.53 28.16 -8.42
N MET A 130 -4.11 27.51 -7.34
CA MET A 130 -2.85 26.78 -7.42
C MET A 130 -2.96 25.73 -8.54
N ALA A 131 -4.14 25.16 -8.67
CA ALA A 131 -4.47 24.19 -9.71
C ALA A 131 -4.29 24.76 -11.11
N GLN A 132 -4.49 26.11 -11.35
CA GLN A 132 -4.28 26.84 -12.60
C GLN A 132 -2.81 27.18 -12.79
N GLY A 133 -1.99 27.21 -11.74
CA GLY A 133 -0.56 27.40 -11.77
C GLY A 133 0.06 26.04 -12.06
N VAL A 134 -0.70 24.94 -11.85
CA VAL A 134 -0.01 23.70 -12.21
C VAL A 134 -0.52 23.20 -13.54
N LEU A 135 -1.64 23.67 -14.09
CA LEU A 135 -2.24 23.18 -15.40
C LEU A 135 -1.66 23.68 -16.75
N GLU A 136 -1.44 24.98 -16.57
CA GLU A 136 -0.77 25.92 -17.37
C GLU A 136 0.52 25.94 -16.60
N TYR A 137 1.49 25.28 -17.21
CA TYR A 137 2.84 25.18 -16.72
C TYR A 137 3.72 24.70 -17.86
N ASP A 144 5.04 23.79 -21.61
CA ASP A 144 6.21 23.77 -20.78
C ASP A 144 6.25 22.54 -19.90
N PRO A 145 6.54 21.37 -20.52
CA PRO A 145 6.65 20.01 -19.86
C PRO A 145 7.54 19.54 -18.66
N VAL A 146 7.32 18.16 -18.64
CA VAL A 146 7.52 16.81 -17.97
C VAL A 146 8.71 15.89 -17.53
N SER A 147 9.59 16.20 -16.58
CA SER A 147 10.50 15.10 -16.12
C SER A 147 10.52 15.07 -14.60
N ASN A 148 10.79 16.23 -13.97
CA ASN A 148 10.83 16.26 -12.50
C ASN A 148 9.64 16.97 -11.89
N GLN A 149 8.48 16.33 -11.82
CA GLN A 149 7.31 16.98 -11.27
C GLN A 149 7.35 16.92 -9.74
N ASN A 150 8.27 17.74 -9.21
CA ASN A 150 8.55 18.00 -7.81
C ASN A 150 7.50 18.97 -7.24
N ILE A 151 6.46 19.12 -8.04
CA ILE A 151 5.25 19.86 -7.71
C ILE A 151 4.38 19.06 -6.76
N GLN A 152 4.60 17.76 -6.76
CA GLN A 152 3.91 16.81 -5.88
C GLN A 152 4.33 17.02 -4.43
N TYR A 153 5.64 16.98 -4.19
CA TYR A 153 6.18 17.04 -2.85
C TYR A 153 5.75 18.30 -2.13
N PHE A 154 5.91 19.44 -2.78
CA PHE A 154 5.53 20.71 -2.15
C PHE A 154 4.04 20.78 -1.91
N LEU A 155 3.27 20.33 -2.91
CA LEU A 155 1.81 20.47 -2.84
C LEU A 155 1.18 19.64 -1.73
N ASP A 156 1.72 18.47 -1.42
CA ASP A 156 1.22 17.72 -0.28
C ASP A 156 1.42 18.53 1.00
N ARG A 157 2.62 19.08 1.14
CA ARG A 157 3.03 19.89 2.27
C ARG A 157 2.29 21.22 2.30
N PHE A 158 2.19 21.88 1.15
CA PHE A 158 1.49 23.15 1.01
C PHE A 158 0.03 23.01 1.43
N TYR A 159 -0.61 21.92 0.94
CA TYR A 159 -2.02 21.65 1.25
C TYR A 159 -2.25 21.11 2.69
N LEU A 160 -1.32 20.41 3.35
CA LEU A 160 -1.54 19.98 4.75
C LEU A 160 -1.45 21.20 5.65
N SER A 161 -0.52 22.07 5.30
CA SER A 161 -0.40 23.29 6.04
C SER A 161 -1.68 24.08 5.86
N ARG A 162 -2.20 24.11 4.63
CA ARG A 162 -3.39 24.92 4.37
C ARG A 162 -4.59 24.42 5.18
N ILE A 163 -4.81 23.12 5.20
CA ILE A 163 -5.93 22.55 5.96
C ILE A 163 -5.86 22.92 7.44
N SER A 164 -4.66 22.85 8.02
CA SER A 164 -4.42 23.12 9.42
C SER A 164 -4.59 24.59 9.76
N ILE A 165 -4.33 25.44 8.78
CA ILE A 165 -4.52 26.88 9.02
C ILE A 165 -6.01 27.20 8.94
N ARG A 166 -6.68 26.51 8.02
CA ARG A 166 -8.13 26.73 7.85
C ARG A 166 -8.88 26.14 9.03
N MET A 167 -8.26 25.13 9.66
CA MET A 167 -8.74 24.53 10.89
C MET A 167 -8.78 25.59 11.99
N LEU A 168 -7.61 26.19 12.22
CA LEU A 168 -7.38 27.22 13.21
C LEU A 168 -8.29 28.41 13.06
N ILE A 169 -8.38 28.89 11.86
CA ILE A 169 -9.19 30.06 11.56
C ILE A 169 -10.64 29.75 11.81
N ASN A 170 -11.16 28.64 11.25
CA ASN A 170 -12.56 28.27 11.40
C ASN A 170 -12.99 28.06 12.86
N GLN A 171 -12.05 27.55 13.66
CA GLN A 171 -12.41 27.30 15.02
C GLN A 171 -12.70 28.56 15.77
N HIS A 172 -11.96 29.59 15.40
CA HIS A 172 -12.05 30.89 16.03
C HIS A 172 -13.23 31.61 15.51
N THR A 173 -13.17 31.70 14.28
CA THR A 173 -14.20 32.35 13.67
C THR A 173 -15.52 31.68 14.01
N LEU A 174 -15.53 30.37 14.29
CA LEU A 174 -16.85 29.82 14.60
C LEU A 174 -17.20 29.96 16.07
N ILE A 175 -16.23 29.70 16.93
CA ILE A 175 -16.48 29.72 18.34
C ILE A 175 -16.70 31.09 18.96
N PHE A 176 -16.30 32.10 18.26
CA PHE A 176 -16.37 33.39 18.94
C PHE A 176 -17.28 34.34 18.19
N ASP A 177 -17.40 34.23 16.89
CA ASP A 177 -18.25 35.09 16.14
C ASP A 177 -19.45 35.50 16.99
N PRO A 185 -25.67 19.73 15.23
CA PRO A 185 -25.79 19.07 16.54
C PRO A 185 -25.52 20.08 17.64
N LYS A 186 -24.32 20.01 18.18
CA LYS A 186 -23.78 20.86 19.24
C LYS A 186 -22.26 20.89 19.19
N HIS A 187 -21.86 21.33 18.20
CA HIS A 187 -20.50 21.25 17.70
C HIS A 187 -19.62 22.34 18.32
N ILE A 188 -18.34 22.06 18.61
CA ILE A 188 -17.36 22.97 19.16
C ILE A 188 -16.44 23.41 18.01
N GLY A 189 -16.90 24.41 17.27
CA GLY A 189 -16.22 24.89 16.07
C GLY A 189 -16.70 24.09 14.86
N SER A 190 -15.75 23.64 14.06
CA SER A 190 -16.07 22.78 12.93
C SER A 190 -16.06 21.31 13.37
N ILE A 191 -15.81 21.15 14.67
CA ILE A 191 -15.71 19.82 15.26
C ILE A 191 -17.04 19.34 15.84
N ASP A 192 -17.43 18.12 15.45
CA ASP A 192 -18.61 17.48 16.02
C ASP A 192 -18.17 16.32 16.90
N PRO A 193 -18.47 16.42 18.20
CA PRO A 193 -18.07 15.44 19.21
C PRO A 193 -18.83 14.13 19.13
N ASN A 194 -20.01 14.14 18.55
CA ASN A 194 -20.75 12.87 18.32
C ASN A 194 -21.21 12.85 16.83
N CYS A 195 -20.32 12.54 15.91
CA CYS A 195 -20.60 12.58 14.49
C CYS A 195 -21.01 11.20 13.94
N SER A 196 -22.15 11.16 13.27
CA SER A 196 -22.64 9.95 12.63
C SER A 196 -22.00 9.73 11.30
N VAL A 197 -20.98 8.87 11.38
CA VAL A 197 -20.36 8.53 10.10
C VAL A 197 -21.39 8.30 9.00
N SER A 198 -22.39 7.45 9.22
CA SER A 198 -23.36 7.12 8.18
C SER A 198 -24.01 8.36 7.57
N ASP A 199 -24.45 9.29 8.42
CA ASP A 199 -25.12 10.49 7.91
C ASP A 199 -24.21 11.27 6.99
N VAL A 200 -22.96 11.44 7.42
CA VAL A 200 -21.97 12.11 6.56
C VAL A 200 -21.87 11.41 5.21
N VAL A 201 -21.79 10.09 5.25
CA VAL A 201 -21.66 9.27 4.05
C VAL A 201 -22.87 9.47 3.14
N LYS A 202 -24.06 9.50 3.74
CA LYS A 202 -25.28 9.67 2.95
C LYS A 202 -25.33 11.08 2.35
N ASP A 203 -25.08 12.10 3.19
CA ASP A 203 -25.05 13.48 2.72
C ASP A 203 -24.06 13.61 1.55
N ALA A 204 -22.89 13.00 1.67
CA ALA A 204 -21.87 13.13 0.63
C ALA A 204 -22.23 12.34 -0.60
N TYR A 205 -22.99 11.25 -0.40
CA TYR A 205 -23.46 10.48 -1.56
C TYR A 205 -24.45 11.31 -2.39
N ASP A 206 -25.37 11.95 -1.68
CA ASP A 206 -26.40 12.77 -2.25
C ASP A 206 -25.84 13.89 -3.12
N MET A 207 -24.87 14.61 -2.56
CA MET A 207 -24.21 15.70 -3.28
C MET A 207 -23.52 15.15 -4.53
N ALA A 208 -22.60 14.21 -4.32
CA ALA A 208 -21.92 13.56 -5.43
C ALA A 208 -22.92 13.08 -6.47
N LYS A 209 -23.95 12.34 -6.04
CA LYS A 209 -24.88 11.78 -7.01
C LYS A 209 -25.56 12.86 -7.85
N LEU A 210 -25.85 13.99 -7.23
CA LEU A 210 -26.50 15.11 -7.90
C LEU A 210 -25.68 15.58 -9.11
N LEU A 211 -24.37 15.63 -8.94
CA LEU A 211 -23.43 16.02 -9.99
C LEU A 211 -23.38 15.00 -11.12
N CYS A 212 -23.40 13.71 -10.74
CA CYS A 212 -23.37 12.60 -11.66
C CYS A 212 -24.58 12.65 -12.61
N ASP A 213 -25.75 12.68 -11.98
CA ASP A 213 -27.02 12.71 -12.69
C ASP A 213 -27.10 13.96 -13.58
N LYS A 214 -26.59 15.08 -13.12
CA LYS A 214 -26.68 16.33 -13.90
C LYS A 214 -25.73 16.30 -15.09
N TYR A 215 -24.92 15.25 -15.14
CA TYR A 215 -23.91 15.15 -16.18
C TYR A 215 -24.09 13.93 -17.05
N TYR A 216 -24.20 12.76 -16.43
CA TYR A 216 -24.33 11.51 -17.18
C TYR A 216 -25.79 11.07 -17.25
N MET A 217 -26.61 11.68 -16.41
CA MET A 217 -28.03 11.38 -16.31
C MET A 217 -28.23 9.95 -15.81
N ALA A 218 -27.23 9.47 -15.08
CA ALA A 218 -27.19 8.15 -14.47
C ALA A 218 -26.10 8.08 -13.40
N SER A 219 -26.33 7.26 -12.38
CA SER A 219 -25.39 7.08 -11.29
C SER A 219 -25.72 5.79 -10.55
N PRO A 220 -24.71 5.15 -9.96
CA PRO A 220 -24.96 3.92 -9.21
C PRO A 220 -25.74 4.20 -7.92
N ASP A 221 -26.35 3.16 -7.34
CA ASP A 221 -27.01 3.44 -6.07
C ASP A 221 -26.00 3.37 -4.93
N LEU A 222 -26.49 3.35 -3.70
CA LEU A 222 -25.69 3.33 -2.49
C LEU A 222 -26.20 2.23 -1.56
N GLU A 223 -25.25 1.59 -0.90
CA GLU A 223 -25.45 0.62 0.14
C GLU A 223 -24.52 0.97 1.30
N ILE A 224 -25.06 1.01 2.51
CA ILE A 224 -24.26 1.29 3.69
C ILE A 224 -24.23 0.08 4.61
N GLN A 225 -23.05 -0.19 5.16
CA GLN A 225 -22.92 -1.28 6.12
C GLN A 225 -22.09 -0.82 7.32
N GLU A 226 -22.48 -1.29 8.49
CA GLU A 226 -21.72 -1.01 9.69
C GLU A 226 -21.39 -2.29 10.45
N VAL A 227 -20.18 -2.30 10.99
CA VAL A 227 -19.73 -3.35 11.90
C VAL A 227 -18.96 -2.69 13.05
N ASN A 228 -19.69 -2.48 14.12
CA ASN A 228 -19.14 -1.93 15.34
C ASN A 228 -18.57 -3.04 16.20
N ALA A 229 -17.25 -3.16 16.19
CA ALA A 229 -16.55 -4.14 17.00
C ALA A 229 -16.55 -3.74 18.47
N THR A 230 -16.54 -2.45 18.74
CA THR A 230 -16.56 -1.94 20.09
C THR A 230 -17.96 -1.98 20.70
N ASN A 231 -18.99 -1.87 19.87
CA ASN A 231 -20.37 -1.90 20.32
C ASN A 231 -21.26 -2.57 19.28
N ALA A 232 -21.37 -3.90 19.43
CA ALA A 232 -22.00 -4.86 18.54
C ALA A 232 -23.34 -4.45 17.94
N THR A 233 -23.90 -3.48 18.59
CA THR A 233 -25.21 -3.05 18.16
C THR A 233 -25.42 -1.61 18.30
N GLN A 234 -24.41 -0.84 18.35
CA GLN A 234 -24.69 0.56 18.47
C GLN A 234 -24.13 1.28 17.25
N PRO A 235 -24.90 2.27 16.79
CA PRO A 235 -24.46 3.05 15.58
C PRO A 235 -23.04 3.65 15.73
N ILE A 236 -22.24 3.76 14.67
CA ILE A 236 -20.89 4.30 14.80
C ILE A 236 -20.87 5.81 14.74
N HIS A 237 -20.41 6.43 15.82
CA HIS A 237 -20.24 7.87 15.93
C HIS A 237 -18.80 8.20 16.27
N MET A 238 -18.38 9.46 16.12
CA MET A 238 -17.00 9.73 16.55
C MET A 238 -16.76 11.22 16.76
N VAL A 239 -15.60 11.50 17.33
CA VAL A 239 -15.08 12.85 17.50
C VAL A 239 -14.26 13.22 16.27
N TYR A 240 -14.80 14.10 15.44
CA TYR A 240 -14.16 14.50 14.18
C TYR A 240 -14.78 15.74 13.57
N VAL A 241 -14.17 16.26 12.51
CA VAL A 241 -14.66 17.41 11.78
C VAL A 241 -15.46 16.98 10.55
N PRO A 242 -16.79 17.02 10.61
CA PRO A 242 -17.61 16.45 9.55
C PRO A 242 -17.25 16.98 8.16
N SER A 243 -16.85 18.24 8.03
CA SER A 243 -16.56 18.80 6.71
C SER A 243 -15.39 18.09 6.05
N HIS A 244 -14.38 17.75 6.83
CA HIS A 244 -13.20 17.00 6.37
C HIS A 244 -13.63 15.62 5.88
N LEU A 245 -14.41 14.91 6.68
CA LEU A 245 -14.95 13.61 6.29
C LEU A 245 -15.80 13.72 5.02
N TYR A 246 -16.69 14.72 4.97
CA TYR A 246 -17.56 14.94 3.83
C TYR A 246 -16.72 15.13 2.57
N HIS A 247 -15.64 15.90 2.70
CA HIS A 247 -14.72 16.23 1.62
C HIS A 247 -14.11 14.96 1.03
N MET A 248 -13.60 14.11 1.92
CA MET A 248 -13.03 12.83 1.49
C MET A 248 -14.06 11.96 0.79
N LEU A 249 -15.17 11.75 1.48
CA LEU A 249 -16.21 10.87 0.98
C LEU A 249 -16.82 11.36 -0.33
N PHE A 250 -16.96 12.66 -0.49
CA PHE A 250 -17.56 13.27 -1.67
C PHE A 250 -16.69 13.06 -2.92
N GLU A 251 -15.41 13.40 -2.75
CA GLU A 251 -14.36 13.30 -3.75
C GLU A 251 -14.21 11.89 -4.31
N LEU A 252 -14.23 10.92 -3.39
CA LEU A 252 -14.23 9.49 -3.64
C LEU A 252 -15.53 9.03 -4.29
N PHE A 253 -16.69 9.47 -3.78
CA PHE A 253 -17.94 9.05 -4.43
C PHE A 253 -17.96 9.50 -5.89
N LYS A 254 -17.50 10.71 -6.16
CA LYS A 254 -17.45 11.25 -7.51
C LYS A 254 -16.61 10.40 -8.44
N ASN A 255 -15.50 9.90 -7.93
CA ASN A 255 -14.58 9.00 -8.63
C ASN A 255 -15.22 7.64 -8.90
N ALA A 256 -15.92 7.15 -7.89
CA ALA A 256 -16.58 5.85 -8.01
C ALA A 256 -17.78 5.90 -8.93
N MET A 257 -18.52 7.01 -8.96
CA MET A 257 -19.69 7.02 -9.86
C MET A 257 -19.25 7.19 -11.31
N ARG A 258 -18.14 7.92 -11.48
CA ARG A 258 -17.60 8.10 -12.82
C ARG A 258 -17.09 6.77 -13.38
N ALA A 259 -16.27 6.08 -12.60
CA ALA A 259 -15.75 4.78 -12.96
C ALA A 259 -16.88 3.81 -13.30
N THR A 260 -17.90 3.76 -12.45
CA THR A 260 -19.06 2.89 -12.68
C THR A 260 -19.76 3.18 -14.00
N VAL A 261 -20.15 4.43 -14.21
CA VAL A 261 -20.86 4.87 -15.40
C VAL A 261 -20.08 4.57 -16.67
N GLU A 262 -18.79 4.90 -16.63
CA GLU A 262 -17.93 4.77 -17.82
C GLU A 262 -17.64 3.32 -18.16
N SER A 263 -17.91 2.43 -17.22
CA SER A 263 -17.60 1.01 -17.36
C SER A 263 -18.77 0.17 -17.82
N HIS A 264 -19.98 0.71 -17.80
CA HIS A 264 -21.16 -0.05 -18.24
C HIS A 264 -21.84 0.60 -19.43
N GLU A 265 -22.92 -0.04 -19.87
CA GLU A 265 -23.70 0.31 -21.04
C GLU A 265 -25.14 0.68 -20.73
N SER A 266 -25.74 -0.06 -19.80
CA SER A 266 -27.15 0.12 -19.50
C SER A 266 -27.35 0.85 -18.18
N SER A 267 -28.12 1.94 -18.26
CA SER A 267 -28.33 2.78 -17.09
C SER A 267 -29.32 2.15 -16.12
N LEU A 268 -29.82 0.97 -16.47
CA LEU A 268 -30.79 0.28 -15.64
C LEU A 268 -30.16 -0.84 -14.82
N THR A 269 -28.86 -1.08 -15.00
CA THR A 269 -28.21 -2.20 -14.31
C THR A 269 -26.83 -1.80 -13.79
N LEU A 270 -26.69 -0.52 -13.44
CA LEU A 270 -25.43 0.00 -12.92
C LEU A 270 -25.22 -0.49 -11.48
N PRO A 271 -24.09 -1.15 -11.23
CA PRO A 271 -23.79 -1.71 -9.90
C PRO A 271 -23.74 -0.63 -8.82
N PRO A 272 -24.38 -0.88 -7.70
CA PRO A 272 -24.39 0.11 -6.60
C PRO A 272 -23.00 0.32 -6.01
N ILE A 273 -22.78 1.48 -5.38
CA ILE A 273 -21.52 1.67 -4.68
C ILE A 273 -21.72 1.18 -3.24
N LYS A 274 -20.82 0.36 -2.74
CA LYS A 274 -21.02 -0.15 -1.38
C LYS A 274 -20.02 0.47 -0.40
N ILE A 275 -20.58 0.89 0.73
CA ILE A 275 -19.79 1.45 1.81
C ILE A 275 -19.79 0.47 2.98
N MET A 276 -18.65 0.37 3.65
CA MET A 276 -18.54 -0.49 4.83
C MET A 276 -17.95 0.32 5.96
N VAL A 277 -18.63 0.47 7.07
CA VAL A 277 -18.09 1.22 8.22
C VAL A 277 -17.66 0.23 9.33
N ALA A 278 -16.37 0.20 9.73
CA ALA A 278 -15.94 -0.71 10.78
C ALA A 278 -15.30 0.04 11.96
N LEU A 279 -15.85 -0.17 13.11
CA LEU A 279 -15.23 0.48 14.18
C LEU A 279 -14.47 -0.59 14.97
N GLY A 280 -13.19 -0.32 15.19
CA GLY A 280 -12.33 -1.15 16.03
C GLY A 280 -11.88 -0.33 17.24
N GLU A 281 -11.07 -0.93 18.09
CA GLU A 281 -10.56 -0.27 19.28
C GLU A 281 -9.57 0.83 18.97
N GLU A 282 -8.95 0.77 17.79
CA GLU A 282 -7.90 1.74 17.49
C GLU A 282 -8.19 2.53 16.22
N ASP A 283 -8.83 1.88 15.25
CA ASP A 283 -9.19 2.44 13.97
C ASP A 283 -10.69 2.52 13.75
N LEU A 284 -11.10 3.51 13.00
CA LEU A 284 -12.42 3.69 12.39
C LEU A 284 -12.18 3.59 10.88
N SER A 285 -12.69 2.52 10.28
CA SER A 285 -12.43 2.25 8.88
C SER A 285 -13.68 2.38 8.02
N ILE A 286 -13.56 3.08 6.91
CA ILE A 286 -14.63 3.24 5.94
C ILE A 286 -14.18 2.75 4.56
N LYS A 287 -14.84 1.71 4.04
CA LYS A 287 -14.46 1.21 2.73
C LYS A 287 -15.52 1.53 1.67
N MET A 288 -15.10 2.21 0.62
CA MET A 288 -15.96 2.47 -0.52
C MET A 288 -15.59 1.55 -1.69
N SER A 289 -16.48 0.61 -1.98
CA SER A 289 -16.22 -0.36 -3.05
C SER A 289 -17.06 -0.10 -4.28
N ASP A 290 -16.43 -0.12 -5.44
CA ASP A 290 -17.18 0.04 -6.69
C ASP A 290 -16.81 -1.08 -7.65
N ARG A 291 -17.65 -1.27 -8.65
CA ARG A 291 -17.38 -2.18 -9.75
C ARG A 291 -17.04 -1.38 -11.00
N GLY A 292 -16.27 -0.32 -10.81
CA GLY A 292 -15.93 0.58 -11.90
C GLY A 292 -14.85 0.08 -12.84
N GLY A 293 -14.58 -1.22 -12.85
CA GLY A 293 -13.58 -1.73 -13.78
C GLY A 293 -12.17 -1.77 -13.21
N GLY A 294 -11.89 -1.07 -12.12
CA GLY A 294 -10.57 -1.11 -11.53
C GLY A 294 -9.49 -0.44 -12.35
N VAL A 295 -8.25 -0.55 -11.88
CA VAL A 295 -7.04 0.01 -12.45
C VAL A 295 -5.87 -0.98 -12.32
N PRO A 296 -5.02 -1.09 -13.32
CA PRO A 296 -3.85 -1.96 -13.21
C PRO A 296 -3.03 -1.63 -11.95
N LEU A 297 -2.40 -2.62 -11.32
CA LEU A 297 -1.53 -2.34 -10.19
C LEU A 297 -0.43 -1.36 -10.59
N ARG A 298 -0.06 -1.40 -11.85
CA ARG A 298 0.93 -0.49 -12.42
C ARG A 298 0.55 0.97 -12.23
N LYS A 299 -0.75 1.27 -12.23
CA LYS A 299 -1.14 2.68 -12.24
C LYS A 299 -1.68 3.24 -10.94
N ILE A 300 -1.64 2.48 -9.85
CA ILE A 300 -2.30 2.88 -8.61
C ILE A 300 -1.58 4.02 -7.89
N GLU A 301 -0.25 4.04 -7.96
CA GLU A 301 0.43 5.17 -7.31
C GLU A 301 0.18 6.46 -8.08
N ARG A 302 0.25 6.36 -9.40
CA ARG A 302 -0.13 7.41 -10.33
C ARG A 302 -1.37 8.16 -9.87
N LEU A 303 -2.43 7.40 -9.53
CA LEU A 303 -3.74 7.95 -9.14
C LEU A 303 -3.59 9.10 -8.21
N PHE A 304 -2.39 9.38 -7.74
CA PHE A 304 -2.32 10.43 -6.71
C PHE A 304 -1.52 11.58 -7.13
N SER A 305 -1.24 11.45 -8.36
CA SER A 305 -0.47 12.45 -8.96
C SER A 305 -1.27 13.72 -9.18
N TYR A 306 -0.71 14.82 -8.80
CA TYR A 306 -1.39 16.08 -9.07
C TYR A 306 -1.48 16.36 -10.57
N MET A 307 -0.60 15.64 -11.27
CA MET A 307 -0.47 15.73 -12.71
C MET A 307 -1.38 14.72 -13.39
N TYR A 308 -1.99 13.84 -12.59
CA TYR A 308 -2.73 12.75 -13.23
C TYR A 308 -4.23 12.87 -13.02
N SER A 309 -4.91 12.70 -14.14
CA SER A 309 -6.36 12.70 -14.25
C SER A 309 -6.75 12.11 -15.60
N THR A 310 -7.66 11.17 -15.54
CA THR A 310 -8.09 10.49 -16.74
C THR A 310 -9.30 11.22 -17.34
N ALA A 311 -9.45 12.50 -16.99
CA ALA A 311 -10.62 13.25 -17.38
C ALA A 311 -10.44 14.39 -18.32
N PRO A 312 -11.52 14.51 -19.14
CA PRO A 312 -11.55 15.60 -20.08
C PRO A 312 -11.28 16.88 -19.40
N THR A 313 -10.11 17.36 -19.46
CA THR A 313 -9.80 18.60 -18.85
C THR A 313 -10.90 19.76 -18.95
N PRO A 314 -10.68 20.67 -17.97
CA PRO A 314 -11.48 21.85 -17.55
C PRO A 314 -11.92 22.96 -18.56
N ALA A 324 -15.39 14.81 -12.16
CA ALA A 324 -14.36 15.87 -12.08
C ALA A 324 -13.21 15.58 -13.04
N GLY A 325 -12.34 16.59 -13.20
CA GLY A 325 -11.16 16.49 -14.07
C GLY A 325 -10.04 17.46 -13.77
N PHE A 326 -9.64 17.59 -12.51
CA PHE A 326 -8.47 18.42 -12.23
C PHE A 326 -7.48 17.69 -11.34
N GLY A 327 -7.58 16.36 -11.35
CA GLY A 327 -6.70 15.42 -10.77
C GLY A 327 -6.07 15.71 -9.44
N TYR A 328 -6.76 16.39 -8.53
CA TYR A 328 -6.15 16.58 -7.21
C TYR A 328 -7.03 15.96 -6.12
N GLY A 329 -8.18 15.45 -6.54
CA GLY A 329 -9.14 14.87 -5.63
C GLY A 329 -8.55 13.83 -4.70
N LEU A 330 -7.69 12.98 -5.21
CA LEU A 330 -7.11 11.88 -4.43
C LEU A 330 -5.95 12.27 -3.53
N PRO A 331 -4.96 13.05 -3.95
CA PRO A 331 -3.83 13.34 -3.05
C PRO A 331 -4.31 14.16 -1.85
N ILE A 332 -5.24 15.06 -2.14
CA ILE A 332 -5.74 16.04 -1.18
C ILE A 332 -6.61 15.39 -0.11
N SER A 333 -7.43 14.44 -0.54
CA SER A 333 -8.29 13.70 0.37
C SER A 333 -7.45 12.90 1.36
N ARG A 334 -6.40 12.27 0.85
CA ARG A 334 -5.43 11.57 1.68
C ARG A 334 -4.74 12.52 2.66
N LEU A 335 -4.40 13.73 2.22
CA LEU A 335 -3.82 14.75 3.07
C LEU A 335 -4.79 15.09 4.19
N TYR A 336 -6.08 15.11 3.86
CA TYR A 336 -7.12 15.27 4.88
C TYR A 336 -7.15 14.09 5.84
N ALA A 337 -6.93 12.86 5.38
CA ALA A 337 -6.95 11.72 6.28
C ALA A 337 -5.72 11.73 7.19
N LYS A 338 -4.58 12.05 6.61
CA LYS A 338 -3.30 12.09 7.31
C LYS A 338 -3.24 13.25 8.30
N TYR A 339 -4.08 14.26 8.12
CA TYR A 339 -4.06 15.44 8.97
C TYR A 339 -4.29 15.12 10.45
N PHE A 340 -5.21 14.21 10.75
CA PHE A 340 -5.39 13.79 12.15
C PHE A 340 -4.90 12.37 12.41
N GLN A 341 -3.79 11.99 11.81
CA GLN A 341 -3.16 10.70 12.04
C GLN A 341 -3.91 9.57 11.36
N GLY A 342 -4.49 9.91 10.22
CA GLY A 342 -5.18 8.93 9.40
C GLY A 342 -4.45 8.70 8.08
N ASP A 343 -5.11 8.04 7.15
CA ASP A 343 -4.53 7.71 5.85
C ASP A 343 -5.67 7.36 4.90
N LEU A 344 -5.38 7.38 3.61
CA LEU A 344 -6.33 6.96 2.58
C LEU A 344 -5.57 6.12 1.55
N GLN A 345 -6.06 4.90 1.33
CA GLN A 345 -5.44 3.97 0.39
C GLN A 345 -6.48 3.35 -0.53
N LEU A 346 -6.07 3.13 -1.77
CA LEU A 346 -6.85 2.57 -2.86
C LEU A 346 -6.28 1.22 -3.30
N PHE A 347 -7.15 0.23 -3.40
CA PHE A 347 -6.78 -1.12 -3.80
C PHE A 347 -7.68 -1.57 -4.94
N SER A 348 -7.09 -1.91 -6.08
CA SER A 348 -7.92 -2.25 -7.23
C SER A 348 -7.77 -3.69 -7.70
N MET A 349 -8.79 -4.12 -8.43
CA MET A 349 -8.75 -5.38 -9.17
C MET A 349 -9.14 -5.11 -10.62
N GLU A 350 -8.13 -5.00 -11.51
CA GLU A 350 -8.39 -4.65 -12.90
C GLU A 350 -9.40 -5.60 -13.52
N GLY A 351 -10.40 -5.00 -14.16
CA GLY A 351 -11.46 -5.78 -14.79
C GLY A 351 -12.65 -5.93 -13.88
N PHE A 352 -12.49 -5.53 -12.62
CA PHE A 352 -13.58 -5.76 -11.69
C PHE A 352 -14.04 -4.48 -11.01
N GLY A 353 -13.22 -3.95 -10.11
CA GLY A 353 -13.54 -2.71 -9.43
C GLY A 353 -12.41 -2.26 -8.51
N THR A 354 -12.73 -1.34 -7.62
CA THR A 354 -11.75 -0.68 -6.77
C THR A 354 -12.27 -0.47 -5.36
N ASP A 355 -11.34 -0.48 -4.41
CA ASP A 355 -11.64 -0.29 -3.00
C ASP A 355 -10.90 0.93 -2.47
N ALA A 356 -11.67 1.94 -2.08
CA ALA A 356 -11.06 3.10 -1.42
C ALA A 356 -11.30 2.98 0.08
N VAL A 357 -10.25 2.98 0.89
CA VAL A 357 -10.47 2.92 2.33
C VAL A 357 -9.89 4.14 3.01
N ILE A 358 -10.70 4.72 3.88
CA ILE A 358 -10.33 5.85 4.73
C ILE A 358 -10.01 5.34 6.13
N TYR A 359 -8.82 5.63 6.64
CA TYR A 359 -8.48 5.15 7.98
C TYR A 359 -8.41 6.33 8.95
N LEU A 360 -9.21 6.26 10.00
CA LEU A 360 -9.21 7.28 11.04
C LEU A 360 -8.92 6.67 12.40
N LYS A 361 -8.41 7.49 13.31
CA LYS A 361 -8.17 7.01 14.68
C LYS A 361 -9.48 7.02 15.45
N ALA A 362 -9.75 5.91 16.14
CA ALA A 362 -11.02 5.71 16.82
C ALA A 362 -11.17 6.63 18.03
N LEU A 363 -10.02 6.90 18.65
CA LEU A 363 -9.95 7.60 19.91
C LEU A 363 -9.40 9.02 19.81
N SER A 364 -10.17 9.97 20.30
CA SER A 364 -9.80 11.38 20.37
C SER A 364 -8.35 11.56 20.82
N THR A 365 -7.97 10.75 21.78
CA THR A 365 -6.66 10.64 22.39
C THR A 365 -5.58 10.45 21.33
N ASP A 366 -5.92 9.82 20.22
CA ASP A 366 -4.97 9.54 19.15
C ASP A 366 -5.02 10.55 18.01
N SER A 367 -6.14 11.28 17.89
CA SER A 367 -6.26 12.27 16.84
C SER A 367 -5.41 13.50 17.14
N VAL A 368 -4.20 13.49 16.60
CA VAL A 368 -3.25 14.59 16.78
C VAL A 368 -2.94 15.26 15.46
N GLU A 369 -2.75 16.61 15.50
CA GLU A 369 -2.46 17.34 14.29
C GLU A 369 -1.15 16.90 13.63
N ARG A 370 -1.24 16.59 12.34
CA ARG A 370 -0.09 16.21 11.54
C ARG A 370 0.36 17.37 10.66
N LEU A 371 1.64 17.72 10.69
CA LEU A 371 2.11 18.78 9.81
C LEU A 371 3.46 18.41 9.19
N PRO A 372 3.71 19.01 8.03
CA PRO A 372 5.01 18.95 7.39
C PRO A 372 6.08 19.27 8.41
N VAL A 373 7.28 18.75 8.23
CA VAL A 373 8.42 18.91 9.12
C VAL A 373 8.51 20.32 9.77
N TYR A 374 8.61 20.30 11.12
CA TYR A 374 8.63 21.50 11.94
C TYR A 374 9.48 21.28 13.25
N ASN B 10 32.78 -31.78 -5.73
CA ASN B 10 33.32 -30.90 -4.70
C ASN B 10 34.73 -30.45 -5.04
N ALA B 11 34.90 -29.26 -5.58
CA ALA B 11 36.27 -28.84 -5.81
C ALA B 11 36.97 -28.64 -4.45
N SER B 12 38.26 -28.37 -4.42
CA SER B 12 38.85 -28.13 -3.11
C SER B 12 38.28 -26.88 -2.53
N LEU B 13 37.84 -27.00 -1.33
CA LEU B 13 37.30 -25.84 -0.77
C LEU B 13 38.33 -24.84 -0.37
N ALA B 14 39.48 -24.85 -0.93
CA ALA B 14 40.29 -23.76 -0.47
C ALA B 14 40.22 -22.62 -1.48
N GLY B 15 39.70 -22.88 -2.68
CA GLY B 15 39.59 -21.84 -3.69
C GLY B 15 38.31 -21.03 -3.55
N ALA B 16 37.39 -21.47 -2.72
CA ALA B 16 36.09 -20.87 -2.48
C ALA B 16 36.11 -19.35 -2.45
N PRO B 17 36.99 -18.72 -1.69
CA PRO B 17 37.04 -17.24 -1.71
C PRO B 17 37.19 -16.68 -3.11
N LYS B 18 38.07 -17.29 -3.90
CA LYS B 18 38.31 -16.78 -5.25
C LYS B 18 37.16 -17.05 -6.18
N TYR B 19 36.54 -18.23 -6.09
CA TYR B 19 35.42 -18.50 -6.97
C TYR B 19 34.27 -17.53 -6.77
N ILE B 20 33.98 -17.12 -5.54
CA ILE B 20 32.82 -16.27 -5.36
C ILE B 20 33.06 -14.91 -6.02
N GLU B 21 34.21 -14.33 -5.67
CA GLU B 21 34.59 -13.01 -6.18
C GLU B 21 34.56 -12.97 -7.70
N HIS B 22 34.76 -14.11 -8.35
CA HIS B 22 34.75 -14.19 -9.80
C HIS B 22 33.33 -14.13 -10.34
N PHE B 23 32.54 -15.17 -10.05
CA PHE B 23 31.15 -15.22 -10.48
C PHE B 23 30.32 -14.14 -9.78
N SER B 24 30.85 -13.57 -8.69
CA SER B 24 30.11 -12.49 -8.03
C SER B 24 30.32 -11.20 -8.80
N LYS B 25 31.25 -11.23 -9.75
CA LYS B 25 31.46 -10.06 -10.60
C LYS B 25 30.41 -9.98 -11.71
N PHE B 26 29.74 -11.10 -11.96
CA PHE B 26 28.71 -11.11 -12.98
C PHE B 26 27.36 -10.79 -12.37
N SER B 27 26.40 -10.51 -13.26
CA SER B 27 25.04 -10.25 -12.80
C SER B 27 24.07 -11.33 -13.28
N PRO B 28 23.15 -11.70 -12.41
CA PRO B 28 22.13 -12.67 -12.81
C PRO B 28 21.43 -12.24 -14.08
N SER B 29 20.95 -13.20 -14.88
CA SER B 29 20.15 -12.86 -16.05
C SER B 29 18.80 -13.56 -15.96
N PRO B 30 17.79 -12.79 -15.62
CA PRO B 30 16.41 -13.28 -15.50
C PRO B 30 15.86 -13.76 -16.85
N LEU B 31 15.18 -14.90 -16.82
CA LEU B 31 14.59 -15.50 -17.99
C LEU B 31 13.10 -15.12 -18.08
N SER B 32 12.59 -14.95 -19.29
CA SER B 32 11.19 -14.70 -19.52
C SER B 32 10.39 -15.98 -19.37
N MET B 33 9.08 -15.87 -19.13
CA MET B 33 8.28 -17.10 -19.00
C MET B 33 8.37 -17.91 -20.29
N LYS B 34 8.59 -17.21 -21.41
CA LYS B 34 8.65 -17.91 -22.72
C LYS B 34 9.99 -18.57 -23.01
N GLN B 35 10.99 -18.23 -22.18
CA GLN B 35 12.34 -18.77 -22.31
C GLN B 35 12.43 -19.97 -21.50
N PHE B 36 11.60 -19.94 -20.58
CA PHE B 36 11.45 -21.18 -19.85
C PHE B 36 10.68 -22.20 -20.70
N LEU B 37 9.63 -21.69 -21.33
CA LEU B 37 8.80 -22.53 -22.18
C LEU B 37 9.60 -22.96 -23.40
N ASP B 38 10.63 -22.18 -23.69
CA ASP B 38 11.40 -22.44 -24.91
C ASP B 38 12.23 -23.71 -24.80
N PHE B 39 12.23 -24.37 -23.64
CA PHE B 39 12.98 -25.62 -23.47
C PHE B 39 12.08 -26.84 -23.66
N GLY B 40 11.05 -26.73 -24.49
CA GLY B 40 10.12 -27.77 -24.88
C GLY B 40 9.64 -28.64 -23.76
N ALA B 44 15.38 -24.38 -25.51
CA ALA B 44 15.98 -25.11 -26.64
C ALA B 44 16.18 -26.62 -26.32
N CYS B 45 17.42 -27.12 -26.11
CA CYS B 45 17.77 -28.57 -25.83
C CYS B 45 18.45 -28.76 -24.47
N GLU B 46 18.96 -29.94 -24.10
CA GLU B 46 19.56 -29.98 -22.77
C GLU B 46 20.90 -29.25 -22.75
N LYS B 47 21.72 -29.55 -23.77
CA LYS B 47 23.05 -28.97 -23.88
C LYS B 47 22.97 -27.44 -23.67
N THR B 48 21.92 -26.85 -24.24
CA THR B 48 21.78 -25.42 -23.96
C THR B 48 21.58 -25.22 -22.45
N SER B 49 20.68 -26.00 -21.85
CA SER B 49 20.44 -25.86 -20.40
C SER B 49 21.76 -26.01 -19.62
N PHE B 50 22.39 -27.17 -19.79
CA PHE B 50 23.65 -27.48 -19.11
C PHE B 50 24.64 -26.33 -19.27
N THR B 51 24.74 -25.82 -20.48
CA THR B 51 25.75 -24.80 -20.75
C THR B 51 25.46 -23.43 -20.17
N PHE B 52 24.20 -23.15 -19.91
CA PHE B 52 23.70 -21.92 -19.33
C PHE B 52 23.61 -22.07 -17.82
N LEU B 53 23.15 -23.28 -17.37
CA LEU B 53 23.07 -23.51 -15.94
C LEU B 53 24.44 -23.53 -15.30
N ARG B 54 25.44 -24.15 -15.93
CA ARG B 54 26.77 -24.23 -15.32
C ARG B 54 27.46 -22.88 -15.28
N GLN B 55 26.90 -21.86 -15.93
CA GLN B 55 27.43 -20.50 -15.76
C GLN B 55 26.50 -19.69 -14.86
N GLU B 56 25.21 -19.86 -15.06
CA GLU B 56 24.23 -19.06 -14.34
C GLU B 56 24.16 -19.44 -12.86
N LEU B 57 24.05 -20.74 -12.57
CA LEU B 57 23.93 -21.23 -11.20
C LEU B 57 25.06 -20.75 -10.31
N PRO B 58 26.31 -20.91 -10.70
CA PRO B 58 27.40 -20.36 -9.88
C PRO B 58 27.30 -18.85 -9.72
N VAL B 59 26.83 -18.16 -10.75
CA VAL B 59 26.74 -16.70 -10.66
C VAL B 59 25.77 -16.28 -9.55
N ARG B 60 24.60 -16.89 -9.52
CA ARG B 60 23.58 -16.57 -8.53
C ARG B 60 23.97 -17.02 -7.13
N LEU B 61 24.63 -18.18 -7.04
CA LEU B 61 25.13 -18.66 -5.77
C LEU B 61 26.15 -17.69 -5.20
N ALA B 62 27.28 -17.52 -5.89
CA ALA B 62 28.33 -16.63 -5.40
C ALA B 62 27.79 -15.24 -5.07
N ASN B 63 26.78 -14.79 -5.79
CA ASN B 63 26.23 -13.47 -5.55
C ASN B 63 25.55 -13.38 -4.18
N ILE B 64 24.71 -14.36 -3.87
CA ILE B 64 24.00 -14.34 -2.60
C ILE B 64 24.90 -14.79 -1.46
N MET B 65 25.87 -15.67 -1.74
CA MET B 65 26.78 -16.09 -0.67
C MET B 65 27.64 -14.91 -0.22
N LYS B 66 27.95 -14.02 -1.15
CA LYS B 66 28.80 -12.87 -0.80
C LYS B 66 28.08 -11.90 0.13
N GLU B 67 26.77 -12.10 0.27
CA GLU B 67 25.95 -11.21 1.09
C GLU B 67 25.63 -11.88 2.42
N ILE B 68 25.66 -13.20 2.39
CA ILE B 68 25.58 -14.01 3.61
C ILE B 68 26.65 -13.55 4.58
N ASN B 69 27.82 -13.14 4.02
CA ASN B 69 28.85 -12.68 4.93
C ASN B 69 28.64 -11.22 5.27
N LEU B 70 27.73 -10.56 4.57
CA LEU B 70 27.45 -9.15 4.88
C LEU B 70 26.56 -9.08 6.12
N LEU B 71 26.07 -10.27 6.49
CA LEU B 71 25.30 -10.44 7.71
C LEU B 71 26.10 -10.01 8.95
N PRO B 72 25.35 -9.71 10.00
CA PRO B 72 25.96 -9.36 11.29
C PRO B 72 26.69 -10.56 11.89
N ASP B 73 27.85 -10.31 12.49
CA ASP B 73 28.63 -11.33 13.16
C ASP B 73 27.78 -12.16 14.11
N ARG B 74 26.75 -11.57 14.70
CA ARG B 74 25.84 -12.21 15.63
C ARG B 74 25.07 -13.38 15.04
N VAL B 75 24.44 -13.15 13.86
CA VAL B 75 23.57 -14.15 13.28
C VAL B 75 24.24 -15.16 12.33
N LEU B 76 25.35 -14.70 11.69
CA LEU B 76 26.13 -15.48 10.72
C LEU B 76 26.80 -16.65 11.40
N SER B 77 27.25 -16.34 12.60
CA SER B 77 27.92 -17.24 13.49
C SER B 77 26.94 -18.19 14.16
N THR B 78 25.71 -18.21 13.66
CA THR B 78 24.71 -19.16 14.17
C THR B 78 24.83 -20.47 13.40
N PRO B 79 24.82 -21.59 14.10
CA PRO B 79 25.00 -22.90 13.45
C PRO B 79 24.00 -23.17 12.34
N SER B 80 22.77 -22.67 12.50
CA SER B 80 21.75 -22.86 11.48
C SER B 80 22.15 -22.15 10.19
N VAL B 81 22.65 -20.93 10.37
CA VAL B 81 23.12 -20.09 9.27
C VAL B 81 24.38 -20.69 8.67
N GLN B 82 25.40 -20.90 9.51
CA GLN B 82 26.65 -21.46 9.02
C GLN B 82 26.39 -22.80 8.34
N LEU B 83 25.37 -23.50 8.80
CA LEU B 83 24.98 -24.78 8.21
C LEU B 83 24.42 -24.59 6.81
N VAL B 84 23.56 -23.58 6.62
CA VAL B 84 23.08 -23.27 5.28
C VAL B 84 24.23 -22.84 4.38
N GLN B 85 25.18 -22.08 4.94
CA GLN B 85 26.26 -21.56 4.12
C GLN B 85 27.13 -22.70 3.59
N SER B 86 27.38 -23.67 4.46
CA SER B 86 28.15 -24.85 4.11
C SER B 86 27.52 -25.56 2.91
N TRP B 87 26.19 -25.58 2.87
CA TRP B 87 25.45 -26.15 1.76
C TRP B 87 25.75 -25.42 0.45
N TYR B 88 25.66 -24.10 0.48
CA TYR B 88 25.89 -23.29 -0.71
C TYR B 88 27.30 -23.46 -1.26
N VAL B 89 28.28 -23.49 -0.36
CA VAL B 89 29.66 -23.74 -0.73
C VAL B 89 29.78 -25.06 -1.50
N GLN B 90 29.19 -26.10 -0.93
CA GLN B 90 29.23 -27.43 -1.53
C GLN B 90 28.49 -27.45 -2.87
N SER B 91 27.33 -26.78 -2.92
CA SER B 91 26.60 -26.74 -4.19
C SER B 91 27.44 -26.01 -5.23
N LEU B 92 28.01 -24.87 -4.87
CA LEU B 92 28.88 -24.17 -5.81
C LEU B 92 29.99 -25.09 -6.30
N LEU B 93 30.63 -25.82 -5.39
CA LEU B 93 31.74 -26.67 -5.77
C LEU B 93 31.32 -27.86 -6.62
N ASP B 94 30.16 -28.40 -6.34
CA ASP B 94 29.56 -29.46 -7.13
C ASP B 94 29.34 -29.03 -8.58
N ILE B 95 28.75 -27.86 -8.75
CA ILE B 95 28.45 -27.38 -10.10
C ILE B 95 29.74 -27.04 -10.86
N MET B 96 30.71 -26.52 -10.13
CA MET B 96 31.95 -26.03 -10.73
C MET B 96 32.72 -27.11 -11.48
N GLU B 97 32.49 -28.36 -11.08
CA GLU B 97 33.15 -29.50 -11.71
C GLU B 97 32.76 -29.63 -13.17
N PHE B 98 31.59 -29.13 -13.55
CA PHE B 98 31.14 -29.28 -14.94
C PHE B 98 31.61 -28.12 -15.81
N LEU B 99 32.49 -27.27 -15.29
CA LEU B 99 32.94 -26.12 -16.06
C LEU B 99 33.85 -26.49 -17.21
N ASP B 100 34.44 -27.69 -17.20
CA ASP B 100 35.34 -28.03 -18.30
C ASP B 100 35.04 -29.43 -18.80
N LYS B 101 33.77 -29.84 -18.70
CA LYS B 101 33.41 -31.16 -19.23
C LYS B 101 32.63 -30.99 -20.52
N ASP B 102 32.78 -31.95 -21.43
CA ASP B 102 32.25 -31.90 -22.78
C ASP B 102 30.74 -31.85 -22.90
N PRO B 103 30.15 -30.69 -23.21
CA PRO B 103 28.70 -30.57 -23.30
C PRO B 103 28.09 -31.63 -24.25
N GLU B 104 28.83 -31.95 -25.31
CA GLU B 104 28.38 -32.84 -26.37
C GLU B 104 28.43 -34.30 -25.92
N ASP B 105 28.73 -34.52 -24.65
CA ASP B 105 28.97 -35.85 -24.11
C ASP B 105 27.86 -36.30 -23.17
N HIS B 106 27.36 -37.47 -23.46
CA HIS B 106 26.19 -38.09 -22.88
C HIS B 106 26.24 -38.15 -21.36
N ARG B 107 27.41 -38.53 -20.86
CA ARG B 107 27.65 -38.72 -19.45
C ARG B 107 27.61 -37.41 -18.67
N THR B 108 28.27 -36.40 -19.22
CA THR B 108 28.33 -35.08 -18.62
C THR B 108 26.93 -34.55 -18.35
N LEU B 109 26.00 -34.70 -19.28
CA LEU B 109 24.65 -34.19 -19.05
C LEU B 109 23.92 -34.93 -17.94
N SER B 110 23.90 -36.24 -18.01
CA SER B 110 23.16 -37.03 -17.00
C SER B 110 23.84 -36.99 -15.64
N GLN B 111 25.08 -36.49 -15.64
CA GLN B 111 25.85 -36.27 -14.40
C GLN B 111 25.46 -34.94 -13.77
N PHE B 112 25.17 -33.97 -14.63
CA PHE B 112 24.72 -32.64 -14.23
C PHE B 112 23.35 -32.73 -13.57
N THR B 113 22.39 -33.40 -14.25
CA THR B 113 21.07 -33.57 -13.63
C THR B 113 21.17 -34.40 -12.30
N ASP B 114 22.14 -35.37 -12.26
CA ASP B 114 22.40 -36.19 -11.07
C ASP B 114 22.85 -35.30 -9.94
N ALA B 115 23.66 -34.30 -10.28
CA ALA B 115 24.19 -33.29 -9.34
C ALA B 115 23.13 -32.29 -8.87
N LEU B 116 22.27 -31.86 -9.80
CA LEU B 116 21.22 -30.86 -9.47
C LEU B 116 20.24 -31.49 -8.47
N VAL B 117 20.10 -32.77 -8.60
CA VAL B 117 19.18 -33.48 -7.73
C VAL B 117 19.73 -33.56 -6.32
N THR B 118 20.97 -33.74 -6.25
CA THR B 118 21.63 -33.82 -4.99
C THR B 118 21.49 -32.46 -4.24
N ILE B 119 21.72 -31.39 -4.99
CA ILE B 119 21.70 -30.02 -4.48
C ILE B 119 20.29 -29.66 -4.01
N ARG B 120 19.30 -30.00 -4.83
CA ARG B 120 17.90 -29.76 -4.58
C ARG B 120 17.45 -30.47 -3.29
N ASN B 121 17.84 -31.72 -3.13
CA ASN B 121 17.47 -32.41 -1.90
C ASN B 121 18.24 -31.82 -0.72
N ARG B 122 19.46 -31.38 -0.98
CA ARG B 122 20.25 -30.83 0.12
C ARG B 122 19.72 -29.48 0.63
N HIS B 123 18.93 -28.79 -0.21
CA HIS B 123 18.44 -27.46 0.13
C HIS B 123 17.08 -27.44 0.42
N ASN B 124 16.62 -28.60 0.51
CA ASN B 124 15.18 -28.62 0.74
C ASN B 124 14.76 -27.98 2.05
N ASP B 125 15.60 -27.96 3.08
CA ASP B 125 15.20 -27.34 4.34
C ASP B 125 15.82 -25.97 4.62
N VAL B 126 16.40 -25.35 3.65
CA VAL B 126 17.03 -24.06 3.90
C VAL B 126 16.13 -23.06 4.67
N VAL B 127 14.81 -23.00 4.39
CA VAL B 127 13.95 -22.01 5.04
C VAL B 127 13.77 -22.28 6.52
N PRO B 128 13.29 -23.45 6.91
CA PRO B 128 13.09 -23.71 8.34
C PRO B 128 14.41 -23.70 9.09
N THR B 129 15.48 -24.01 8.37
CA THR B 129 16.83 -23.92 8.91
C THR B 129 17.25 -22.47 9.09
N MET B 130 16.96 -21.62 8.11
CA MET B 130 17.27 -20.21 8.32
C MET B 130 16.47 -19.71 9.52
N ALA B 131 15.21 -20.14 9.60
CA ALA B 131 14.28 -19.73 10.63
C ALA B 131 14.79 -20.07 12.02
N GLN B 132 15.27 -21.30 12.19
CA GLN B 132 15.84 -21.66 13.49
C GLN B 132 17.04 -20.79 13.79
N GLY B 133 17.70 -20.34 12.72
CA GLY B 133 18.82 -19.42 12.82
C GLY B 133 18.37 -18.04 13.26
N VAL B 134 17.20 -17.60 12.76
CA VAL B 134 16.72 -16.31 13.27
C VAL B 134 16.25 -16.49 14.72
N LEU B 135 15.75 -17.68 15.02
CA LEU B 135 15.30 -18.00 16.38
C LEU B 135 16.43 -17.65 17.37
N GLU B 136 17.66 -17.88 16.94
CA GLU B 136 18.83 -17.45 17.69
C GLU B 136 18.94 -15.94 17.72
N TYR B 137 18.01 -15.36 18.49
CA TYR B 137 17.85 -13.94 18.74
C TYR B 137 17.58 -13.71 20.25
N GLN B 149 16.91 -4.42 12.93
CA GLN B 149 16.29 -5.57 12.34
C GLN B 149 16.39 -5.65 10.80
N ASN B 150 17.59 -5.24 10.19
CA ASN B 150 17.94 -5.20 8.75
C ASN B 150 18.04 -6.57 8.33
N ILE B 151 18.03 -7.38 9.29
CA ILE B 151 17.88 -8.72 8.87
C ILE B 151 16.87 -8.78 7.64
N GLN B 152 15.65 -8.16 7.74
CA GLN B 152 14.59 -8.10 6.69
C GLN B 152 15.12 -7.89 5.28
N TYR B 153 16.01 -6.92 5.16
CA TYR B 153 16.60 -6.66 3.85
C TYR B 153 17.34 -7.89 3.34
N PHE B 154 18.22 -8.48 4.15
CA PHE B 154 18.94 -9.66 3.66
C PHE B 154 17.95 -10.78 3.29
N LEU B 155 17.05 -11.09 4.20
CA LEU B 155 16.22 -12.29 4.04
C LEU B 155 15.35 -12.21 2.80
N ASP B 156 14.81 -11.02 2.50
CA ASP B 156 14.02 -10.90 1.28
C ASP B 156 14.85 -11.31 0.06
N ARG B 157 16.05 -10.76 -0.03
CA ARG B 157 16.95 -11.04 -1.14
C ARG B 157 17.42 -12.48 -1.12
N PHE B 158 17.79 -12.98 0.06
CA PHE B 158 18.25 -14.36 0.18
C PHE B 158 17.20 -15.33 -0.36
N TYR B 159 15.98 -15.18 0.16
CA TYR B 159 14.87 -16.06 -0.20
C TYR B 159 14.39 -15.83 -1.63
N LEU B 160 14.56 -14.63 -2.16
CA LEU B 160 14.13 -14.35 -3.53
C LEU B 160 15.10 -15.05 -4.49
N SER B 161 16.39 -14.94 -4.15
CA SER B 161 17.40 -15.60 -4.96
C SER B 161 17.22 -17.11 -4.93
N ARG B 162 16.82 -17.60 -3.77
CA ARG B 162 16.64 -19.03 -3.58
C ARG B 162 15.47 -19.58 -4.37
N ILE B 163 14.33 -18.89 -4.37
CA ILE B 163 13.21 -19.29 -5.21
C ILE B 163 13.61 -19.36 -6.69
N SER B 164 14.44 -18.41 -7.10
CA SER B 164 14.97 -18.30 -8.45
C SER B 164 15.93 -19.42 -8.81
N ILE B 165 16.75 -19.84 -7.84
CA ILE B 165 17.68 -20.93 -8.07
C ILE B 165 16.93 -22.26 -8.05
N ARG B 166 15.83 -22.28 -7.32
CA ARG B 166 15.00 -23.48 -7.30
C ARG B 166 14.20 -23.56 -8.59
N MET B 167 13.93 -22.41 -9.20
CA MET B 167 13.18 -22.39 -10.46
C MET B 167 13.97 -23.11 -11.55
N LEU B 168 15.19 -22.62 -11.73
CA LEU B 168 16.18 -23.14 -12.66
C LEU B 168 16.48 -24.61 -12.43
N ILE B 169 16.77 -24.99 -11.18
CA ILE B 169 17.04 -26.41 -10.93
C ILE B 169 15.86 -27.28 -11.33
N ASN B 170 14.65 -26.87 -11.01
CA ASN B 170 13.47 -27.69 -11.28
C ASN B 170 13.16 -27.80 -12.75
N GLN B 171 13.46 -26.74 -13.51
CA GLN B 171 13.19 -26.79 -14.95
C GLN B 171 14.05 -27.86 -15.62
N HIS B 172 15.35 -27.85 -15.35
CA HIS B 172 16.25 -28.85 -15.91
C HIS B 172 15.91 -30.25 -15.39
N THR B 173 15.64 -30.43 -14.07
CA THR B 173 15.45 -31.81 -13.60
C THR B 173 14.15 -32.35 -14.16
N LEU B 174 13.09 -31.54 -14.16
CA LEU B 174 11.80 -32.07 -14.60
C LEU B 174 11.77 -32.25 -16.11
N ILE B 175 12.30 -31.24 -16.82
CA ILE B 175 12.36 -31.31 -18.28
C ILE B 175 13.34 -32.37 -18.75
N PHE B 176 14.52 -32.47 -18.13
CA PHE B 176 15.56 -33.37 -18.63
C PHE B 176 15.87 -34.57 -17.74
N ASP B 177 15.18 -35.67 -17.93
CA ASP B 177 15.42 -36.99 -17.30
C ASP B 177 14.57 -38.07 -18.08
N PRO B 185 1.78 -33.26 -16.92
CA PRO B 185 2.32 -33.95 -18.09
C PRO B 185 2.22 -33.09 -19.36
N LYS B 186 1.50 -31.99 -19.28
CA LYS B 186 1.50 -31.02 -20.37
C LYS B 186 2.42 -29.86 -20.06
N HIS B 187 2.83 -29.87 -18.78
CA HIS B 187 3.65 -28.81 -18.23
C HIS B 187 5.03 -28.78 -18.87
N ILE B 188 5.59 -27.57 -18.88
CA ILE B 188 6.95 -27.32 -19.32
C ILE B 188 7.79 -27.03 -18.07
N GLY B 189 8.17 -28.11 -17.40
CA GLY B 189 8.81 -28.04 -16.09
C GLY B 189 7.74 -27.86 -15.02
N SER B 190 7.93 -26.88 -14.14
CA SER B 190 6.93 -26.59 -13.11
C SER B 190 5.86 -25.66 -13.66
N ILE B 191 6.06 -25.23 -14.90
CA ILE B 191 5.17 -24.31 -15.57
C ILE B 191 3.99 -24.99 -16.26
N ASP B 192 2.79 -24.54 -15.90
CA ASP B 192 1.57 -24.98 -16.57
C ASP B 192 1.09 -23.87 -17.49
N PRO B 193 1.04 -24.15 -18.78
CA PRO B 193 0.62 -23.18 -19.79
C PRO B 193 -0.88 -22.89 -19.76
N ASN B 194 -1.67 -23.79 -19.24
CA ASN B 194 -3.11 -23.63 -19.11
C ASN B 194 -3.52 -23.74 -17.66
N CYS B 195 -2.90 -22.96 -16.78
CA CYS B 195 -3.14 -23.04 -15.34
C CYS B 195 -4.48 -22.46 -14.92
N SER B 196 -5.34 -23.30 -14.35
CA SER B 196 -6.65 -22.90 -13.86
C SER B 196 -6.58 -22.35 -12.44
N VAL B 197 -6.62 -21.02 -12.33
CA VAL B 197 -6.55 -20.34 -11.05
C VAL B 197 -7.51 -20.92 -10.03
N SER B 198 -8.78 -21.08 -10.38
CA SER B 198 -9.73 -21.62 -9.40
C SER B 198 -9.29 -23.00 -8.89
N ASP B 199 -8.76 -23.81 -9.82
CA ASP B 199 -8.35 -25.17 -9.47
C ASP B 199 -7.25 -25.13 -8.41
N VAL B 200 -6.21 -24.30 -8.63
CA VAL B 200 -5.15 -24.20 -7.64
C VAL B 200 -5.71 -23.69 -6.31
N VAL B 201 -6.63 -22.73 -6.40
CA VAL B 201 -7.29 -22.13 -5.25
C VAL B 201 -8.02 -23.19 -4.45
N LYS B 202 -8.69 -24.11 -5.13
CA LYS B 202 -9.40 -25.18 -4.46
C LYS B 202 -8.44 -26.12 -3.72
N ASP B 203 -7.40 -26.55 -4.44
CA ASP B 203 -6.40 -27.45 -3.90
C ASP B 203 -5.72 -26.82 -2.70
N ALA B 204 -5.47 -25.52 -2.75
CA ALA B 204 -4.81 -24.85 -1.62
C ALA B 204 -5.76 -24.70 -0.45
N TYR B 205 -7.05 -24.53 -0.72
CA TYR B 205 -8.02 -24.35 0.36
C TYR B 205 -8.17 -25.65 1.15
N ASP B 206 -8.18 -26.74 0.41
CA ASP B 206 -8.39 -28.08 0.98
C ASP B 206 -7.22 -28.53 1.82
N MET B 207 -6.01 -28.38 1.20
CA MET B 207 -4.85 -28.72 2.03
C MET B 207 -4.95 -27.87 3.32
N ALA B 208 -4.62 -26.61 3.34
CA ALA B 208 -4.82 -25.69 4.46
C ALA B 208 -6.00 -26.07 5.34
N LYS B 209 -7.16 -26.27 4.72
CA LYS B 209 -8.37 -26.64 5.45
C LYS B 209 -8.11 -27.85 6.34
N LEU B 210 -7.33 -28.80 5.85
CA LEU B 210 -7.01 -30.04 6.53
C LEU B 210 -6.25 -29.82 7.83
N LEU B 211 -5.26 -28.92 7.80
CA LEU B 211 -4.40 -28.58 8.92
C LEU B 211 -5.16 -27.96 10.10
N CYS B 212 -6.05 -27.07 9.74
CA CYS B 212 -6.93 -26.34 10.62
C CYS B 212 -7.80 -27.28 11.45
N ASP B 213 -8.63 -28.02 10.70
CA ASP B 213 -9.55 -28.96 11.33
C ASP B 213 -8.79 -29.86 12.30
N LYS B 214 -7.58 -30.25 11.91
CA LYS B 214 -6.78 -31.14 12.72
C LYS B 214 -6.20 -30.40 13.92
N TYR B 215 -6.36 -29.06 13.89
CA TYR B 215 -5.86 -28.26 15.01
C TYR B 215 -7.00 -27.64 15.80
N TYR B 216 -7.90 -26.96 15.10
CA TYR B 216 -9.02 -26.29 15.76
C TYR B 216 -10.26 -27.15 15.71
N MET B 217 -10.32 -28.04 14.72
CA MET B 217 -11.50 -28.85 14.48
C MET B 217 -12.69 -27.96 14.12
N ALA B 218 -12.34 -26.86 13.45
CA ALA B 218 -13.26 -25.91 12.88
C ALA B 218 -12.50 -24.98 11.94
N SER B 219 -13.12 -24.66 10.81
CA SER B 219 -12.49 -23.83 9.78
C SER B 219 -13.56 -23.27 8.87
N PRO B 220 -13.32 -22.08 8.31
CA PRO B 220 -14.30 -21.40 7.45
C PRO B 220 -14.71 -22.27 6.26
N ASP B 221 -15.82 -21.91 5.62
CA ASP B 221 -16.07 -22.56 4.33
C ASP B 221 -15.43 -21.66 3.27
N LEU B 222 -15.53 -22.05 2.01
CA LEU B 222 -14.92 -21.29 0.93
C LEU B 222 -15.95 -20.98 -0.16
N GLU B 223 -15.83 -19.76 -0.67
CA GLU B 223 -16.65 -19.19 -1.72
C GLU B 223 -15.72 -18.58 -2.77
N ILE B 224 -15.90 -18.97 -4.02
CA ILE B 224 -15.07 -18.45 -5.10
C ILE B 224 -15.94 -17.75 -6.15
N GLN B 225 -15.43 -16.63 -6.63
CA GLN B 225 -16.03 -15.86 -7.71
C GLN B 225 -14.97 -15.42 -8.72
N GLU B 226 -15.36 -15.32 -9.98
CA GLU B 226 -14.47 -14.85 -11.04
C GLU B 226 -15.19 -13.88 -11.99
N VAL B 227 -14.46 -12.85 -12.40
CA VAL B 227 -14.95 -11.87 -13.35
C VAL B 227 -13.92 -11.66 -14.46
N ASN B 228 -14.05 -12.52 -15.41
CA ASN B 228 -13.17 -12.50 -16.52
C ASN B 228 -13.54 -11.31 -17.37
N ALA B 229 -12.83 -10.20 -17.19
CA ALA B 229 -13.17 -8.94 -17.86
C ALA B 229 -12.89 -8.97 -19.36
N THR B 230 -11.76 -9.62 -19.65
CA THR B 230 -11.18 -9.79 -20.96
C THR B 230 -12.05 -10.66 -21.95
N ASN B 231 -12.83 -11.65 -21.44
CA ASN B 231 -13.93 -12.44 -22.10
C ASN B 231 -14.59 -12.79 -20.80
N ALA B 232 -15.90 -12.69 -20.96
CA ALA B 232 -16.82 -12.63 -19.85
C ALA B 232 -17.43 -13.86 -19.21
N THR B 233 -17.42 -15.03 -19.86
CA THR B 233 -17.97 -16.20 -19.18
C THR B 233 -16.94 -17.37 -19.20
N GLN B 234 -15.61 -17.14 -19.52
CA GLN B 234 -14.59 -18.23 -19.58
C GLN B 234 -13.71 -18.29 -18.36
N PRO B 235 -13.38 -19.51 -17.99
CA PRO B 235 -12.50 -19.76 -16.82
C PRO B 235 -11.14 -19.12 -16.96
N ILE B 236 -10.83 -18.35 -15.96
CA ILE B 236 -9.59 -17.73 -16.05
C ILE B 236 -8.42 -18.72 -15.97
N HIS B 237 -7.63 -18.69 -17.01
CA HIS B 237 -6.42 -19.51 -17.08
C HIS B 237 -5.19 -18.64 -17.26
N MET B 238 -4.03 -19.20 -16.91
CA MET B 238 -2.82 -18.44 -17.15
C MET B 238 -1.63 -19.36 -17.38
N VAL B 239 -0.54 -18.77 -17.88
CA VAL B 239 0.75 -19.46 -17.92
C VAL B 239 1.50 -19.15 -16.62
N TYR B 240 1.63 -20.15 -15.75
CA TYR B 240 2.27 -19.92 -14.45
C TYR B 240 2.80 -21.20 -13.80
N VAL B 241 3.48 -21.05 -12.68
CA VAL B 241 4.01 -22.15 -11.89
C VAL B 241 3.04 -22.59 -10.79
N PRO B 242 2.27 -23.64 -11.03
CA PRO B 242 1.20 -24.03 -10.13
C PRO B 242 1.64 -24.12 -8.66
N SER B 243 2.85 -24.60 -8.40
CA SER B 243 3.28 -24.77 -7.01
C SER B 243 3.48 -23.42 -6.33
N HIS B 244 3.96 -22.45 -7.08
CA HIS B 244 4.20 -21.09 -6.61
C HIS B 244 2.88 -20.44 -6.19
N LEU B 245 1.87 -20.51 -7.05
CA LEU B 245 0.54 -20.02 -6.76
C LEU B 245 -0.08 -20.79 -5.60
N TYR B 246 0.10 -22.10 -5.61
CA TYR B 246 -0.39 -22.96 -4.54
C TYR B 246 0.13 -22.49 -3.19
N HIS B 247 1.43 -22.24 -3.13
CA HIS B 247 2.11 -21.93 -1.86
C HIS B 247 1.63 -20.61 -1.29
N MET B 248 1.48 -19.62 -2.16
CA MET B 248 0.97 -18.32 -1.75
C MET B 248 -0.43 -18.44 -1.18
N LEU B 249 -1.31 -19.09 -1.95
CA LEU B 249 -2.69 -19.29 -1.53
C LEU B 249 -2.77 -20.20 -0.31
N PHE B 250 -1.80 -21.10 -0.18
CA PHE B 250 -1.76 -22.02 0.94
C PHE B 250 -1.48 -21.32 2.26
N GLU B 251 -0.47 -20.46 2.21
CA GLU B 251 -0.01 -19.63 3.30
C GLU B 251 -1.07 -18.66 3.78
N LEU B 252 -1.72 -17.99 2.83
CA LEU B 252 -2.80 -17.05 3.13
C LEU B 252 -4.04 -17.73 3.68
N PHE B 253 -4.45 -18.86 3.10
CA PHE B 253 -5.63 -19.55 3.60
C PHE B 253 -5.50 -19.88 5.08
N LYS B 254 -4.31 -20.39 5.50
CA LYS B 254 -4.08 -20.75 6.92
C LYS B 254 -4.30 -19.57 7.91
N ASN B 255 -3.74 -18.43 7.52
CA ASN B 255 -3.90 -17.21 8.26
C ASN B 255 -5.40 -16.82 8.36
N ALA B 256 -6.11 -16.77 7.18
CA ALA B 256 -7.51 -16.37 7.28
C ALA B 256 -8.32 -17.37 8.08
N MET B 257 -8.07 -18.66 7.95
CA MET B 257 -8.92 -19.60 8.69
C MET B 257 -8.62 -19.56 10.19
N ARG B 258 -7.36 -19.27 10.46
CA ARG B 258 -6.93 -19.09 11.84
C ARG B 258 -7.55 -17.82 12.43
N ALA B 259 -7.32 -16.68 11.79
CA ALA B 259 -7.86 -15.40 12.22
C ALA B 259 -9.35 -15.49 12.47
N THR B 260 -10.07 -16.19 11.60
CA THR B 260 -11.50 -16.39 11.70
C THR B 260 -11.89 -17.24 12.89
N VAL B 261 -11.22 -18.37 13.08
CA VAL B 261 -11.45 -19.22 14.25
C VAL B 261 -11.20 -18.41 15.53
N GLU B 262 -10.04 -17.74 15.57
CA GLU B 262 -9.61 -16.95 16.71
C GLU B 262 -10.55 -15.80 17.04
N SER B 263 -11.36 -15.37 16.06
CA SER B 263 -12.19 -14.19 16.27
C SER B 263 -13.61 -14.54 16.71
N HIS B 264 -14.01 -15.79 16.49
CA HIS B 264 -15.39 -16.20 16.74
C HIS B 264 -15.50 -17.20 17.88
N GLU B 265 -16.73 -17.49 18.32
CA GLU B 265 -16.91 -18.37 19.47
C GLU B 265 -17.75 -19.60 19.14
N SER B 266 -18.42 -19.56 18.00
CA SER B 266 -19.33 -20.58 17.50
C SER B 266 -18.77 -21.30 16.29
N SER B 267 -18.94 -22.63 16.28
CA SER B 267 -18.39 -23.46 15.21
C SER B 267 -19.41 -23.66 14.09
N LEU B 268 -20.68 -23.41 14.38
CA LEU B 268 -21.72 -23.62 13.38
C LEU B 268 -22.07 -22.34 12.64
N THR B 269 -21.30 -21.27 12.85
CA THR B 269 -21.66 -19.97 12.24
C THR B 269 -20.46 -19.23 11.72
N LEU B 270 -19.46 -20.00 11.46
CA LEU B 270 -18.21 -19.45 11.02
C LEU B 270 -18.25 -18.81 9.60
N PRO B 271 -17.90 -17.46 9.43
CA PRO B 271 -17.90 -16.76 8.10
C PRO B 271 -17.05 -17.42 7.00
N PRO B 272 -17.57 -17.76 5.82
CA PRO B 272 -16.73 -18.41 4.81
C PRO B 272 -15.62 -17.49 4.32
N ILE B 273 -14.57 -18.09 3.75
CA ILE B 273 -13.54 -17.27 3.11
C ILE B 273 -13.94 -17.03 1.66
N LYS B 274 -13.92 -15.77 1.22
CA LYS B 274 -14.34 -15.48 -0.14
C LYS B 274 -13.16 -15.17 -1.06
N ILE B 275 -13.19 -15.80 -2.22
CA ILE B 275 -12.17 -15.59 -3.24
C ILE B 275 -12.77 -14.91 -4.46
N MET B 276 -12.07 -13.90 -4.95
CA MET B 276 -12.45 -13.20 -6.16
C MET B 276 -11.33 -13.38 -7.17
N VAL B 277 -11.67 -13.90 -8.35
CA VAL B 277 -10.62 -13.97 -9.37
C VAL B 277 -10.99 -12.99 -10.47
N ALA B 278 -10.14 -11.99 -10.69
CA ALA B 278 -10.43 -10.98 -11.70
C ALA B 278 -9.39 -10.98 -12.81
N LEU B 279 -9.83 -11.02 -14.06
CA LEU B 279 -8.84 -11.00 -15.13
C LEU B 279 -9.01 -9.75 -16.00
N GLY B 280 -7.96 -8.94 -16.06
CA GLY B 280 -7.98 -7.73 -16.86
C GLY B 280 -6.88 -7.74 -17.90
N GLU B 281 -6.76 -6.65 -18.65
CA GLU B 281 -5.80 -6.56 -19.74
C GLU B 281 -4.36 -6.73 -19.26
N GLU B 282 -4.14 -6.41 -17.97
CA GLU B 282 -2.75 -6.39 -17.52
C GLU B 282 -2.52 -7.25 -16.29
N ASP B 283 -3.52 -7.24 -15.39
CA ASP B 283 -3.44 -7.94 -14.17
C ASP B 283 -4.40 -9.12 -14.04
N LEU B 284 -3.86 -10.06 -13.36
CA LEU B 284 -4.57 -11.22 -12.93
C LEU B 284 -4.50 -11.03 -11.41
N SER B 285 -5.74 -10.83 -10.88
CA SER B 285 -6.01 -10.50 -9.50
C SER B 285 -6.79 -11.59 -8.73
N ILE B 286 -6.26 -12.03 -7.60
CA ILE B 286 -6.91 -12.99 -6.71
C ILE B 286 -7.08 -12.34 -5.33
N LYS B 287 -8.31 -12.23 -4.87
CA LYS B 287 -8.53 -11.65 -3.54
C LYS B 287 -9.10 -12.69 -2.58
N MET B 288 -8.49 -12.81 -1.42
CA MET B 288 -9.01 -13.69 -0.36
C MET B 288 -9.53 -12.86 0.80
N SER B 289 -10.85 -12.79 0.93
CA SER B 289 -11.43 -11.96 1.99
C SER B 289 -11.88 -12.77 3.18
N ASP B 290 -11.45 -12.37 4.39
CA ASP B 290 -11.93 -13.11 5.55
C ASP B 290 -12.53 -12.17 6.59
N ARG B 291 -13.37 -12.76 7.43
CA ARG B 291 -14.02 -12.02 8.50
C ARG B 291 -13.36 -12.41 9.82
N GLY B 292 -12.04 -12.39 9.82
CA GLY B 292 -11.26 -12.76 10.97
C GLY B 292 -10.96 -11.63 11.94
N GLY B 293 -11.70 -10.52 11.91
CA GLY B 293 -11.48 -9.46 12.87
C GLY B 293 -10.37 -8.49 12.52
N GLY B 294 -9.60 -8.74 11.47
CA GLY B 294 -8.62 -7.80 10.99
C GLY B 294 -7.60 -7.29 12.00
N VAL B 295 -6.76 -6.37 11.53
CA VAL B 295 -5.62 -5.83 12.25
C VAL B 295 -5.51 -4.32 12.07
N PRO B 296 -5.18 -3.58 13.13
CA PRO B 296 -5.02 -2.13 13.05
C PRO B 296 -4.04 -1.71 11.97
N LEU B 297 -4.23 -0.54 11.37
CA LEU B 297 -3.37 -0.06 10.30
C LEU B 297 -1.92 0.06 10.73
N ARG B 298 -1.72 0.26 12.02
CA ARG B 298 -0.40 0.43 12.61
C ARG B 298 0.44 -0.82 12.50
N LYS B 299 -0.22 -1.98 12.40
CA LYS B 299 0.46 -3.27 12.39
C LYS B 299 0.62 -3.93 11.04
N ILE B 300 0.14 -3.35 9.95
CA ILE B 300 0.13 -4.04 8.66
C ILE B 300 1.53 -4.35 8.16
N GLU B 301 2.45 -3.40 8.28
CA GLU B 301 3.83 -3.63 7.86
C GLU B 301 4.46 -4.81 8.59
N ARG B 302 4.25 -4.84 9.90
CA ARG B 302 4.75 -5.87 10.78
C ARG B 302 4.50 -7.27 10.23
N LEU B 303 3.28 -7.50 9.77
CA LEU B 303 2.84 -8.81 9.34
C LEU B 303 3.83 -9.49 8.40
N PHE B 304 4.55 -8.70 7.60
CA PHE B 304 5.51 -9.21 6.64
C PHE B 304 6.93 -9.24 7.21
N SER B 305 7.02 -9.15 8.53
CA SER B 305 8.28 -9.25 9.25
C SER B 305 8.64 -10.70 9.52
N TYR B 306 9.90 -11.06 9.26
CA TYR B 306 10.34 -12.43 9.50
C TYR B 306 10.38 -12.72 11.00
N MET B 307 10.45 -11.62 11.73
CA MET B 307 10.50 -11.59 13.18
C MET B 307 9.12 -11.54 13.80
N TYR B 308 8.08 -11.50 12.97
CA TYR B 308 6.75 -11.30 13.55
C TYR B 308 5.84 -12.49 13.27
N SER B 309 5.11 -12.84 14.32
CA SER B 309 4.13 -13.92 14.33
C SER B 309 3.28 -13.81 15.60
N THR B 310 1.98 -13.91 15.43
CA THR B 310 1.02 -13.78 16.54
C THR B 310 0.79 -15.15 17.17
N ALA B 311 1.45 -16.19 16.61
CA ALA B 311 1.38 -17.50 17.25
C ALA B 311 2.75 -17.92 17.80
N PRO B 312 2.73 -18.83 18.75
CA PRO B 312 3.99 -19.40 19.27
C PRO B 312 5.10 -19.73 18.23
N THR B 313 6.31 -19.71 18.80
CA THR B 313 7.49 -20.09 18.06
C THR B 313 7.30 -21.37 17.27
N PRO B 314 6.53 -22.37 17.78
CA PRO B 314 6.23 -23.48 16.85
C PRO B 314 5.79 -23.06 15.29
N PRO B 322 1.60 -26.66 13.54
CA PRO B 322 0.16 -26.84 13.73
C PRO B 322 -0.62 -26.19 12.61
N LEU B 323 -0.47 -24.88 12.65
CA LEU B 323 -1.12 -23.95 11.77
C LEU B 323 -0.33 -22.65 11.65
N ALA B 324 0.32 -22.27 12.78
CA ALA B 324 1.08 -21.03 12.77
C ALA B 324 2.20 -21.03 13.82
N GLY B 325 3.05 -20.00 13.68
CA GLY B 325 4.20 -19.88 14.59
C GLY B 325 5.55 -19.63 13.89
N PHE B 326 5.61 -19.91 12.60
CA PHE B 326 6.80 -19.71 11.79
C PHE B 326 7.11 -18.25 11.52
N GLY B 327 6.05 -17.50 11.16
CA GLY B 327 6.24 -16.08 11.03
C GLY B 327 6.95 -15.64 9.77
N TYR B 328 6.99 -16.52 8.75
CA TYR B 328 7.60 -16.21 7.47
C TYR B 328 6.66 -16.55 6.31
N GLY B 329 5.47 -17.04 6.64
CA GLY B 329 4.49 -17.45 5.65
C GLY B 329 4.13 -16.29 4.73
N LEU B 330 4.00 -15.09 5.29
CA LEU B 330 3.62 -13.91 4.53
C LEU B 330 4.78 -13.33 3.73
N PRO B 331 5.93 -13.06 4.32
CA PRO B 331 7.01 -12.48 3.50
C PRO B 331 7.41 -13.40 2.36
N ILE B 332 7.48 -14.71 2.55
CA ILE B 332 7.96 -15.51 1.40
C ILE B 332 6.91 -15.53 0.29
N SER B 333 5.65 -15.70 0.70
CA SER B 333 4.52 -15.74 -0.20
C SER B 333 4.56 -14.53 -1.11
N ARG B 334 4.86 -13.39 -0.51
CA ARG B 334 4.99 -12.17 -1.28
C ARG B 334 6.19 -12.23 -2.22
N LEU B 335 7.25 -12.91 -1.80
CA LEU B 335 8.42 -13.15 -2.63
C LEU B 335 8.02 -14.00 -3.83
N TYR B 336 7.26 -15.07 -3.63
CA TYR B 336 6.80 -15.87 -4.77
C TYR B 336 6.07 -15.03 -5.80
N ALA B 337 5.28 -14.06 -5.33
CA ALA B 337 4.44 -13.24 -6.21
C ALA B 337 5.29 -12.28 -7.04
N LYS B 338 6.30 -11.72 -6.40
CA LYS B 338 7.21 -10.78 -7.02
C LYS B 338 8.08 -11.42 -8.10
N TYR B 339 8.44 -12.67 -7.85
CA TYR B 339 9.40 -13.42 -8.64
C TYR B 339 9.17 -13.26 -10.14
N PHE B 340 7.93 -13.49 -10.57
CA PHE B 340 7.57 -13.35 -11.97
C PHE B 340 6.85 -12.02 -12.20
N GLN B 341 7.24 -11.00 -11.44
CA GLN B 341 6.81 -9.63 -11.59
C GLN B 341 5.44 -9.32 -11.02
N GLY B 342 5.09 -9.92 -9.89
CA GLY B 342 3.77 -9.58 -9.37
C GLY B 342 3.89 -8.85 -8.05
N ASP B 343 2.96 -9.14 -7.14
CA ASP B 343 3.03 -8.54 -5.81
C ASP B 343 1.98 -9.18 -4.91
N LEU B 344 2.11 -9.02 -3.61
CA LEU B 344 1.12 -9.52 -2.67
C LEU B 344 0.78 -8.42 -1.68
N GLN B 345 -0.49 -8.03 -1.57
CA GLN B 345 -0.83 -6.94 -0.65
C GLN B 345 -1.98 -7.27 0.29
N LEU B 346 -1.83 -6.85 1.53
CA LEU B 346 -2.81 -7.09 2.59
C LEU B 346 -3.46 -5.78 3.02
N PHE B 347 -4.80 -5.78 3.02
CA PHE B 347 -5.52 -4.60 3.47
C PHE B 347 -6.53 -5.02 4.54
N SER B 348 -6.49 -4.32 5.68
CA SER B 348 -7.42 -4.69 6.74
C SER B 348 -8.36 -3.54 7.12
N MET B 349 -9.40 -3.95 7.82
CA MET B 349 -10.30 -3.07 8.55
C MET B 349 -10.43 -3.63 9.96
N GLU B 350 -9.76 -3.01 10.92
CA GLU B 350 -9.81 -3.50 12.29
C GLU B 350 -11.27 -3.60 12.76
N GLY B 351 -11.59 -4.73 13.39
CA GLY B 351 -12.94 -4.97 13.89
C GLY B 351 -13.75 -5.79 12.92
N PHE B 352 -13.30 -5.89 11.66
CA PHE B 352 -14.13 -6.57 10.69
C PHE B 352 -13.43 -7.78 10.06
N GLY B 353 -12.38 -7.51 9.29
CA GLY B 353 -11.67 -8.58 8.61
C GLY B 353 -10.55 -8.03 7.75
N THR B 354 -10.03 -8.87 6.86
CA THR B 354 -8.85 -8.47 6.10
C THR B 354 -8.96 -8.96 4.67
N ASP B 355 -8.32 -8.24 3.76
CA ASP B 355 -8.26 -8.68 2.36
C ASP B 355 -6.82 -9.02 2.05
N ALA B 356 -6.58 -10.19 1.47
CA ALA B 356 -5.27 -10.59 0.98
C ALA B 356 -5.32 -10.68 -0.54
N VAL B 357 -4.49 -9.93 -1.25
CA VAL B 357 -4.55 -9.95 -2.69
C VAL B 357 -3.20 -10.28 -3.35
N ILE B 358 -3.21 -11.31 -4.16
CA ILE B 358 -2.09 -11.72 -5.00
C ILE B 358 -2.27 -11.15 -6.41
N TYR B 359 -1.33 -10.30 -6.83
CA TYR B 359 -1.38 -9.78 -8.17
C TYR B 359 -0.32 -10.46 -9.05
N LEU B 360 -0.75 -10.88 -10.23
CA LEU B 360 0.17 -11.47 -11.20
C LEU B 360 0.04 -10.73 -12.52
N LYS B 361 0.93 -11.00 -13.46
CA LYS B 361 0.75 -10.55 -14.83
C LYS B 361 -0.20 -11.53 -15.51
N ALA B 362 -1.17 -11.02 -16.26
CA ALA B 362 -2.07 -11.93 -16.95
C ALA B 362 -1.39 -12.44 -18.22
N LEU B 363 -0.46 -11.64 -18.75
CA LEU B 363 0.18 -12.00 -20.01
C LEU B 363 1.59 -12.56 -19.83
N SER B 364 1.86 -13.68 -20.49
CA SER B 364 3.18 -14.29 -20.42
C SER B 364 4.25 -13.33 -20.91
N THR B 365 3.87 -12.39 -21.76
CA THR B 365 4.83 -11.46 -22.33
C THR B 365 5.40 -10.52 -21.28
N ASP B 366 4.78 -10.46 -20.11
CA ASP B 366 5.23 -9.51 -19.09
C ASP B 366 5.88 -10.21 -17.90
N SER B 367 5.79 -11.54 -17.86
CA SER B 367 6.31 -12.38 -16.80
C SER B 367 7.77 -12.77 -17.01
N VAL B 368 8.70 -11.91 -16.57
CA VAL B 368 10.12 -12.28 -16.56
C VAL B 368 10.55 -12.35 -15.11
N GLU B 369 11.27 -13.41 -14.73
CA GLU B 369 11.70 -13.56 -13.34
C GLU B 369 12.49 -12.34 -12.84
N ARG B 370 12.22 -11.82 -11.62
CA ARG B 370 13.00 -10.70 -11.02
C ARG B 370 14.00 -11.30 -10.03
N LEU B 371 15.15 -10.64 -9.84
CA LEU B 371 16.16 -11.28 -8.99
C LEU B 371 16.96 -10.29 -8.25
N PRO B 372 17.41 -10.69 -7.10
CA PRO B 372 18.39 -9.84 -6.33
C PRO B 372 19.78 -9.69 -7.03
N VAL B 373 20.61 -8.66 -6.76
CA VAL B 373 21.96 -8.55 -7.35
C VAL B 373 22.62 -9.92 -7.50
#